data_6Q3M
#
_entry.id   6Q3M
#
_cell.length_a   70.731
_cell.length_b   87.681
_cell.length_c   129.257
_cell.angle_alpha   90.00
_cell.angle_beta   93.57
_cell.angle_gamma   90.00
#
_symmetry.space_group_name_H-M   'P 1 21 1'
#
loop_
_entity.id
_entity.type
_entity.pdbx_description
1 polymer 'Chromodomain-helicase-DNA-binding protein 4'
2 non-polymer 'ZINC ION'
3 non-polymer 'TRIETHYLENE GLYCOL'
4 non-polymer 1,2-ETHANEDIOL
5 non-polymer DI(HYDROXYETHYL)ETHER
6 water water
#
_entity_poly.entity_id   1
_entity_poly.type   'polypeptide(L)'
_entity_poly.pdbx_seq_one_letter_code
;GPEDDHHMEFCRVCKDGGELLCCDTCPSSYHIHCLNPPLPEIPNGEWLCPRCTCPALKGKVQKILIWKWGQPPSPTPVPR
PPDADPNTPSPKPLEGRPERQFFVKWQGMSYWHCSWVSELQLELHCQVMFRNYQRKNDMDEPPSGDFGGDEEKSRKRKNK
DPKFAEMEERFYRYGIKPEWMMIHRILNHSVDKKGHVHYLIKWRDLPYDQASWESEDVEIQDYDLFKQSYWNHRELMR
;
_entity_poly.pdbx_strand_id   A,B,C,D
#
# COMPACT_ATOMS: atom_id res chain seq x y z
N ASP A 5 -22.20 2.29 3.16
CA ASP A 5 -21.68 3.07 2.05
C ASP A 5 -21.43 2.20 0.83
N HIS A 6 -20.18 1.77 0.64
CA HIS A 6 -19.82 0.92 -0.48
C HIS A 6 -19.38 -0.45 0.00
N HIS A 7 -20.24 -1.42 -0.25
CA HIS A 7 -19.96 -2.84 -0.15
C HIS A 7 -20.43 -3.49 -1.44
N MET A 8 -19.84 -4.62 -1.78
CA MET A 8 -20.42 -5.47 -2.81
C MET A 8 -21.91 -5.61 -2.53
N GLU A 9 -22.72 -5.38 -3.57
CA GLU A 9 -24.16 -5.53 -3.46
C GLU A 9 -24.59 -6.91 -3.96
N PHE A 10 -23.74 -7.92 -3.75
CA PHE A 10 -23.81 -9.16 -4.49
C PHE A 10 -22.79 -10.09 -3.84
N CYS A 11 -23.11 -11.38 -3.74
CA CYS A 11 -22.34 -12.26 -2.87
C CYS A 11 -21.00 -12.62 -3.51
N ARG A 12 -19.94 -12.58 -2.71
CA ARG A 12 -18.60 -12.88 -3.20
C ARG A 12 -18.43 -14.36 -3.53
N VAL A 13 -19.37 -15.21 -3.14
CA VAL A 13 -19.30 -16.65 -3.42
C VAL A 13 -20.10 -17.03 -4.65
N CYS A 14 -21.38 -16.65 -4.71
CA CYS A 14 -22.27 -17.06 -5.79
C CYS A 14 -22.64 -15.94 -6.74
N LYS A 15 -22.28 -14.70 -6.43
CA LYS A 15 -22.50 -13.53 -7.29
C LYS A 15 -23.96 -13.18 -7.47
N ASP A 16 -24.83 -13.58 -6.53
CA ASP A 16 -26.21 -13.11 -6.51
C ASP A 16 -26.39 -12.11 -5.38
N GLY A 17 -27.50 -11.38 -5.45
CA GLY A 17 -27.80 -10.32 -4.52
C GLY A 17 -28.79 -10.74 -3.45
N GLY A 18 -29.37 -9.74 -2.78
CA GLY A 18 -30.36 -9.98 -1.76
C GLY A 18 -29.84 -9.68 -0.37
N GLU A 19 -30.28 -10.47 0.60
CA GLU A 19 -29.88 -10.28 1.99
C GLU A 19 -28.40 -10.64 2.14
N LEU A 20 -27.56 -9.64 2.39
CA LEU A 20 -26.12 -9.83 2.42
C LEU A 20 -25.54 -9.45 3.78
N LEU A 21 -24.60 -10.28 4.24
CA LEU A 21 -23.82 -9.98 5.43
C LEU A 21 -22.54 -9.26 5.01
N CYS A 22 -22.34 -8.06 5.53
CA CYS A 22 -21.31 -7.15 5.05
C CYS A 22 -20.19 -7.04 6.08
N CYS A 23 -18.95 -7.15 5.62
CA CYS A 23 -17.80 -7.13 6.51
C CYS A 23 -17.62 -5.75 7.12
N ASP A 24 -17.04 -5.73 8.31
CA ASP A 24 -16.77 -4.48 9.00
C ASP A 24 -15.41 -3.88 8.68
N THR A 25 -14.55 -4.61 7.95
CA THR A 25 -13.21 -4.11 7.64
C THR A 25 -12.82 -4.35 6.18
N CYS A 26 -13.75 -4.68 5.30
CA CYS A 26 -13.49 -4.66 3.86
C CYS A 26 -14.81 -4.62 3.12
N PRO A 27 -14.78 -4.36 1.80
CA PRO A 27 -16.03 -4.25 1.02
C PRO A 27 -16.76 -5.58 0.81
N SER A 28 -16.26 -6.70 1.30
CA SER A 28 -16.82 -7.99 0.92
C SER A 28 -18.22 -8.19 1.49
N SER A 29 -19.03 -8.94 0.75
CA SER A 29 -20.38 -9.27 1.14
C SER A 29 -20.63 -10.75 0.84
N TYR A 30 -21.44 -11.39 1.68
CA TYR A 30 -21.69 -12.82 1.59
C TYR A 30 -23.15 -13.11 1.94
N HIS A 31 -23.68 -14.21 1.39
CA HIS A 31 -24.89 -14.81 1.94
C HIS A 31 -24.50 -15.64 3.16
N ILE A 32 -25.37 -15.64 4.17
CA ILE A 32 -25.11 -16.48 5.34
C ILE A 32 -25.04 -17.94 4.95
N HIS A 33 -25.82 -18.35 3.94
CA HIS A 33 -25.77 -19.75 3.50
C HIS A 33 -24.59 -20.05 2.58
N CYS A 34 -23.84 -19.05 2.12
CA CYS A 34 -22.67 -19.29 1.28
C CYS A 34 -21.37 -19.33 2.06
N LEU A 35 -21.38 -18.95 3.33
CA LEU A 35 -20.18 -19.07 4.15
C LEU A 35 -19.88 -20.55 4.40
N ASN A 36 -18.65 -20.82 4.83
CA ASN A 36 -18.20 -22.19 5.10
C ASN A 36 -17.59 -22.22 6.50
N PRO A 37 -18.34 -22.70 7.52
CA PRO A 37 -19.70 -23.23 7.43
C PRO A 37 -20.79 -22.16 7.34
N PRO A 38 -21.96 -22.52 6.84
CA PRO A 38 -23.07 -21.56 6.76
C PRO A 38 -23.43 -21.02 8.14
N LEU A 39 -24.06 -19.82 8.14
CA LEU A 39 -24.62 -19.27 9.36
C LEU A 39 -26.14 -19.29 9.33
N PRO A 40 -26.79 -19.58 10.47
CA PRO A 40 -28.25 -19.64 10.49
C PRO A 40 -28.92 -18.28 10.46
N GLU A 41 -28.20 -17.22 10.77
CA GLU A 41 -28.77 -15.88 10.87
C GLU A 41 -27.62 -14.88 10.86
N ILE A 42 -27.93 -13.66 10.45
CA ILE A 42 -26.95 -12.58 10.48
C ILE A 42 -26.56 -12.36 11.93
N PRO A 43 -25.27 -12.49 12.29
CA PRO A 43 -24.87 -12.23 13.67
C PRO A 43 -25.04 -10.76 13.99
N ASN A 44 -24.78 -10.37 15.24
CA ASN A 44 -24.90 -9.00 15.67
C ASN A 44 -23.56 -8.51 16.21
N GLY A 45 -23.36 -7.19 16.15
CA GLY A 45 -22.09 -6.62 16.50
C GLY A 45 -21.10 -6.71 15.35
N GLU A 46 -19.84 -7.01 15.68
CA GLU A 46 -18.79 -7.08 14.68
C GLU A 46 -18.81 -8.42 13.97
N TRP A 47 -18.62 -8.38 12.66
CA TRP A 47 -18.39 -9.60 11.87
C TRP A 47 -17.22 -9.36 10.93
N LEU A 48 -16.30 -10.31 10.89
CA LEU A 48 -15.14 -10.24 10.02
C LEU A 48 -15.23 -11.38 9.01
N CYS A 49 -15.09 -11.06 7.73
CA CYS A 49 -15.33 -12.05 6.69
C CYS A 49 -14.16 -13.01 6.60
N PRO A 50 -14.34 -14.15 5.92
CA PRO A 50 -13.25 -15.13 5.84
C PRO A 50 -11.96 -14.57 5.27
N ARG A 51 -12.02 -13.48 4.52
CA ARG A 51 -10.82 -12.91 3.92
C ARG A 51 -10.04 -12.08 4.92
N CYS A 52 -10.73 -11.36 5.81
CA CYS A 52 -10.05 -10.56 6.82
C CYS A 52 -9.49 -11.43 7.94
N THR A 53 -10.08 -12.59 8.18
CA THR A 53 -9.57 -13.54 9.17
C THR A 53 -8.61 -14.55 8.57
N CYS A 54 -8.24 -14.41 7.31
CA CYS A 54 -7.41 -15.41 6.64
C CYS A 54 -5.98 -15.36 7.19
N PRO A 55 -5.42 -16.49 7.63
CA PRO A 55 -4.03 -16.48 8.08
C PRO A 55 -3.08 -16.08 6.96
N ALA A 56 -1.93 -15.55 7.36
CA ALA A 56 -0.91 -15.09 6.42
C ALA A 56 0.02 -16.24 6.02
N LEU A 57 0.48 -16.17 4.77
CA LEU A 57 1.48 -17.12 4.29
C LEU A 57 2.78 -16.93 5.06
N LYS A 58 3.55 -18.02 5.18
CA LYS A 58 4.83 -17.90 5.87
C LYS A 58 5.94 -17.41 4.95
N GLY A 59 5.64 -17.21 3.67
CA GLY A 59 6.63 -16.66 2.76
C GLY A 59 6.04 -16.49 1.38
N LYS A 60 6.92 -16.20 0.43
CA LYS A 60 6.49 -16.10 -0.96
C LYS A 60 6.42 -17.49 -1.58
N VAL A 61 5.34 -17.75 -2.30
CA VAL A 61 5.13 -19.04 -2.95
C VAL A 61 5.90 -19.06 -4.25
N GLN A 62 6.70 -20.11 -4.44
CA GLN A 62 7.46 -20.33 -5.66
C GLN A 62 6.74 -21.26 -6.64
N LYS A 63 6.16 -22.35 -6.13
CA LYS A 63 5.58 -23.36 -7.00
C LYS A 63 4.48 -24.11 -6.26
N ILE A 64 3.37 -24.33 -6.94
CA ILE A 64 2.31 -25.20 -6.43
C ILE A 64 2.61 -26.62 -6.91
N LEU A 65 2.79 -27.54 -5.97
CA LEU A 65 3.23 -28.89 -6.30
C LEU A 65 2.06 -29.81 -6.58
N ILE A 66 1.11 -29.89 -5.65
CA ILE A 66 -0.01 -30.82 -5.71
C ILE A 66 -1.15 -30.17 -4.92
N TRP A 67 -2.34 -30.74 -5.02
CA TRP A 67 -3.45 -30.29 -4.20
C TRP A 67 -4.30 -31.48 -3.82
N LYS A 68 -5.05 -31.32 -2.73
CA LYS A 68 -6.02 -32.31 -2.31
C LYS A 68 -7.19 -31.62 -1.67
N TRP A 69 -8.31 -32.33 -1.58
CA TRP A 69 -9.46 -31.84 -0.84
C TRP A 69 -9.20 -32.00 0.66
N GLY A 70 -9.37 -30.91 1.39
CA GLY A 70 -9.29 -30.95 2.83
C GLY A 70 -10.62 -31.33 3.46
N GLN A 71 -10.61 -31.44 4.78
CA GLN A 71 -11.79 -31.84 5.52
C GLN A 71 -12.74 -30.65 5.69
N PRO A 72 -14.06 -30.87 5.64
CA PRO A 72 -14.98 -29.76 5.91
C PRO A 72 -14.90 -29.34 7.34
N PRO A 73 -15.15 -28.06 7.66
CA PRO A 73 -15.09 -27.60 9.04
C PRO A 73 -16.24 -28.16 9.86
N SER A 74 -16.16 -27.94 11.16
CA SER A 74 -17.24 -28.36 12.04
C SER A 74 -18.52 -27.61 11.66
N PRO A 75 -19.67 -28.29 11.63
CA PRO A 75 -20.91 -27.59 11.26
C PRO A 75 -21.22 -26.47 12.23
N THR A 76 -22.04 -25.54 11.76
CA THR A 76 -22.52 -24.45 12.60
C THR A 76 -23.76 -24.92 13.36
N PRO A 77 -23.75 -24.95 14.69
CA PRO A 77 -24.95 -25.38 15.41
C PRO A 77 -26.05 -24.33 15.37
N VAL A 78 -27.28 -24.81 15.36
CA VAL A 78 -28.47 -23.96 15.25
C VAL A 78 -29.20 -24.00 16.59
N PRO A 79 -29.41 -22.87 17.25
CA PRO A 79 -30.20 -22.87 18.49
C PRO A 79 -31.59 -23.47 18.27
N ARG A 80 -32.09 -24.15 19.29
CA ARG A 80 -33.48 -24.58 19.28
C ARG A 80 -34.38 -23.36 19.25
N PRO A 81 -35.40 -23.33 18.39
CA PRO A 81 -36.33 -22.20 18.40
C PRO A 81 -37.04 -22.10 19.74
N PRO A 82 -37.31 -20.88 20.21
CA PRO A 82 -37.66 -20.71 21.63
C PRO A 82 -38.99 -21.33 22.02
N ASP A 83 -39.86 -21.61 21.06
CA ASP A 83 -41.18 -22.18 21.32
C ASP A 83 -41.25 -23.67 20.97
N ALA A 84 -40.16 -24.38 21.15
CA ALA A 84 -40.06 -25.75 20.66
C ALA A 84 -40.65 -26.74 21.65
N ASP A 85 -41.12 -27.86 21.11
CA ASP A 85 -41.60 -28.97 21.92
C ASP A 85 -40.41 -29.75 22.46
N PRO A 86 -40.37 -30.06 23.77
CA PRO A 86 -39.26 -30.86 24.29
C PRO A 86 -38.95 -32.11 23.47
N ASN A 87 -39.95 -32.77 22.89
CA ASN A 87 -39.70 -33.96 22.09
C ASN A 87 -39.18 -33.66 20.69
N THR A 88 -39.27 -32.41 20.23
CA THR A 88 -38.72 -32.07 18.93
C THR A 88 -37.20 -32.16 18.98
N PRO A 89 -36.55 -32.84 18.02
CA PRO A 89 -35.08 -32.79 17.97
C PRO A 89 -34.59 -31.39 17.66
N SER A 90 -33.41 -31.06 18.19
CA SER A 90 -32.78 -29.81 17.85
C SER A 90 -32.52 -29.75 16.34
N PRO A 91 -32.58 -28.57 15.74
CA PRO A 91 -32.32 -28.46 14.30
C PRO A 91 -30.96 -29.03 13.92
N LYS A 92 -30.96 -29.79 12.83
CA LYS A 92 -29.74 -30.31 12.23
C LYS A 92 -28.68 -29.20 12.13
N PRO A 93 -27.43 -29.45 12.52
CA PRO A 93 -26.40 -28.41 12.40
C PRO A 93 -26.01 -28.18 10.94
N LEU A 94 -25.63 -26.93 10.66
CA LEU A 94 -25.49 -26.47 9.27
C LEU A 94 -24.17 -26.96 8.70
N GLU A 95 -24.25 -27.80 7.68
CA GLU A 95 -23.10 -28.56 7.20
C GLU A 95 -22.19 -27.69 6.35
N GLY A 96 -20.88 -27.80 6.60
CA GLY A 96 -19.87 -27.18 5.76
C GLY A 96 -19.48 -28.07 4.60
N ARG A 97 -18.43 -27.65 3.90
CA ARG A 97 -17.97 -28.34 2.71
C ARG A 97 -16.45 -28.33 2.64
N PRO A 98 -15.86 -29.23 1.85
CA PRO A 98 -14.40 -29.25 1.72
C PRO A 98 -13.87 -28.04 0.97
N GLU A 99 -12.64 -27.65 1.31
CA GLU A 99 -11.90 -26.63 0.59
C GLU A 99 -10.62 -27.25 0.04
N ARG A 100 -10.16 -26.74 -1.10
CA ARG A 100 -8.94 -27.27 -1.69
C ARG A 100 -7.72 -26.91 -0.84
N GLN A 101 -6.80 -27.85 -0.72
CA GLN A 101 -5.55 -27.65 0.00
C GLN A 101 -4.40 -27.80 -1.00
N PHE A 102 -3.40 -26.93 -0.87
CA PHE A 102 -2.30 -26.89 -1.83
C PHE A 102 -0.97 -27.06 -1.12
N PHE A 103 -0.16 -27.98 -1.62
CA PHE A 103 1.18 -28.21 -1.12
C PHE A 103 2.15 -27.37 -1.96
N VAL A 104 2.90 -26.49 -1.32
CA VAL A 104 3.66 -25.48 -2.04
C VAL A 104 5.13 -25.54 -1.72
N LYS A 105 5.93 -25.10 -2.67
CA LYS A 105 7.37 -24.86 -2.52
C LYS A 105 7.60 -23.38 -2.29
N TRP A 106 8.35 -23.05 -1.26
CA TRP A 106 8.52 -21.66 -0.84
C TRP A 106 9.78 -21.07 -1.45
N GLN A 107 9.69 -19.81 -1.85
CA GLN A 107 10.83 -19.10 -2.41
C GLN A 107 11.91 -18.94 -1.35
N GLY A 108 13.14 -19.32 -1.69
CA GLY A 108 14.25 -19.25 -0.75
C GLY A 108 14.29 -20.34 0.29
N MET A 109 13.41 -21.34 0.22
CA MET A 109 13.38 -22.44 1.17
C MET A 109 13.44 -23.75 0.42
N SER A 110 14.09 -24.74 1.02
CA SER A 110 14.24 -26.03 0.37
C SER A 110 12.94 -26.83 0.46
N TYR A 111 12.89 -27.93 -0.29
CA TYR A 111 11.76 -28.83 -0.26
C TYR A 111 11.51 -29.45 1.11
N TRP A 112 12.41 -29.22 2.07
CA TRP A 112 12.15 -29.63 3.44
C TRP A 112 11.05 -28.79 4.08
N HIS A 113 10.85 -27.57 3.60
CA HIS A 113 9.91 -26.62 4.19
C HIS A 113 8.59 -26.55 3.43
N CYS A 114 8.35 -27.47 2.51
CA CYS A 114 7.09 -27.49 1.80
C CYS A 114 5.96 -27.70 2.81
N SER A 115 4.87 -26.98 2.60
CA SER A 115 3.78 -26.97 3.56
C SER A 115 2.48 -26.65 2.82
N TRP A 116 1.38 -26.82 3.55
CA TRP A 116 0.05 -26.75 2.98
C TRP A 116 -0.53 -25.37 3.19
N VAL A 117 -1.27 -24.90 2.18
CA VAL A 117 -2.00 -23.64 2.25
C VAL A 117 -3.37 -23.89 1.66
N SER A 118 -4.32 -23.05 2.04
CA SER A 118 -5.69 -23.19 1.57
C SER A 118 -5.86 -22.49 0.22
N GLU A 119 -6.97 -22.81 -0.44
CA GLU A 119 -7.35 -22.08 -1.65
C GLU A 119 -7.59 -20.61 -1.35
N LEU A 120 -8.24 -20.32 -0.22
CA LEU A 120 -8.47 -18.93 0.17
C LEU A 120 -7.17 -18.15 0.29
N GLN A 121 -6.11 -18.80 0.76
CA GLN A 121 -4.82 -18.14 0.87
C GLN A 121 -4.22 -17.84 -0.50
N LEU A 122 -4.16 -18.82 -1.39
CA LEU A 122 -3.64 -18.55 -2.73
C LEU A 122 -4.48 -17.51 -3.45
N GLU A 123 -5.80 -17.59 -3.31
CA GLU A 123 -6.68 -16.61 -3.93
C GLU A 123 -6.35 -15.19 -3.47
N LEU A 124 -6.03 -15.02 -2.19
CA LEU A 124 -5.71 -13.70 -1.65
C LEU A 124 -4.30 -13.25 -2.00
N HIS A 125 -3.30 -14.13 -1.86
CA HIS A 125 -1.92 -13.70 -1.82
C HIS A 125 -1.10 -14.14 -3.02
N CYS A 126 -1.59 -15.10 -3.80
CA CYS A 126 -0.86 -15.60 -4.96
C CYS A 126 -1.82 -15.82 -6.12
N GLN A 127 -2.70 -14.84 -6.36
CA GLN A 127 -3.79 -15.06 -7.30
C GLN A 127 -3.32 -15.24 -8.74
N VAL A 128 -2.25 -14.55 -9.15
CA VAL A 128 -1.75 -14.75 -10.51
C VAL A 128 -1.24 -16.17 -10.68
N MET A 129 -0.35 -16.61 -9.78
CA MET A 129 0.13 -17.98 -9.83
C MET A 129 -1.01 -18.99 -9.75
N PHE A 130 -2.00 -18.70 -8.92
CA PHE A 130 -3.05 -19.68 -8.66
C PHE A 130 -3.99 -19.80 -9.85
N ARG A 131 -4.30 -18.66 -10.46
CA ARG A 131 -5.16 -18.66 -11.64
C ARG A 131 -4.45 -19.32 -12.83
N ASN A 132 -3.13 -19.22 -12.89
CA ASN A 132 -2.35 -19.97 -13.88
C ASN A 132 -2.42 -21.46 -13.60
N TYR A 133 -2.33 -21.86 -12.33
CA TYR A 133 -2.37 -23.28 -11.97
C TYR A 133 -3.72 -23.89 -12.34
N GLN A 134 -4.81 -23.18 -12.01
CA GLN A 134 -6.15 -23.67 -12.35
C GLN A 134 -6.28 -23.94 -13.83
N ARG A 135 -5.70 -23.07 -14.65
CA ARG A 135 -5.83 -23.18 -16.09
C ARG A 135 -5.16 -24.44 -16.64
N LYS A 136 -4.13 -24.95 -15.97
CA LYS A 136 -3.35 -26.08 -16.45
C LYS A 136 -3.69 -27.40 -15.75
N ASN A 137 -4.75 -27.44 -14.94
CA ASN A 137 -4.98 -28.57 -14.05
C ASN A 137 -6.46 -28.82 -13.88
N ASP A 138 -6.85 -30.10 -13.87
CA ASP A 138 -8.23 -30.48 -13.57
C ASP A 138 -8.47 -30.28 -12.09
N MET A 139 -9.30 -29.31 -11.74
CA MET A 139 -9.49 -28.92 -10.35
C MET A 139 -10.64 -29.64 -9.67
N ASP A 140 -11.22 -30.67 -10.30
CA ASP A 140 -12.28 -31.42 -9.65
C ASP A 140 -11.78 -32.67 -8.94
N GLU A 141 -10.76 -33.35 -9.45
CA GLU A 141 -10.26 -34.56 -8.82
C GLU A 141 -8.75 -34.44 -8.68
N PRO A 142 -8.19 -34.53 -7.48
CA PRO A 142 -6.76 -34.30 -7.30
C PRO A 142 -5.95 -35.32 -8.09
N PRO A 143 -4.77 -34.93 -8.57
CA PRO A 143 -3.90 -35.92 -9.22
C PRO A 143 -3.27 -36.85 -8.18
N SER A 144 -2.94 -38.05 -8.62
CA SER A 144 -2.30 -39.05 -7.77
C SER A 144 -0.86 -39.23 -8.24
N GLY A 145 0.02 -38.36 -7.75
CA GLY A 145 1.44 -38.45 -8.06
C GLY A 145 2.28 -37.44 -7.29
N ASP A 161 12.03 -50.29 6.04
CA ASP A 161 12.72 -49.01 6.18
C ASP A 161 11.77 -47.95 6.76
N PRO A 162 11.81 -47.75 8.07
CA PRO A 162 10.89 -46.76 8.67
C PRO A 162 11.01 -45.37 8.07
N LYS A 163 12.24 -44.87 7.92
CA LYS A 163 12.44 -43.47 7.51
C LYS A 163 11.91 -43.21 6.10
N PHE A 164 12.04 -44.19 5.19
CA PHE A 164 11.47 -44.00 3.86
C PHE A 164 9.97 -43.82 3.91
N ALA A 165 9.28 -44.61 4.73
CA ALA A 165 7.83 -44.49 4.84
C ALA A 165 7.44 -43.13 5.39
N GLU A 166 8.25 -42.57 6.28
CA GLU A 166 7.98 -41.24 6.82
C GLU A 166 8.23 -40.15 5.77
N MET A 167 9.26 -40.33 4.93
CA MET A 167 9.57 -39.36 3.89
C MET A 167 8.63 -39.50 2.70
N GLU A 168 8.30 -40.73 2.31
CA GLU A 168 7.26 -40.95 1.31
C GLU A 168 5.94 -40.36 1.76
N GLU A 169 5.58 -40.56 3.03
CA GLU A 169 4.27 -40.12 3.52
C GLU A 169 4.17 -38.60 3.55
N ARG A 170 5.26 -37.90 3.88
CA ARG A 170 5.20 -36.46 4.05
C ARG A 170 5.61 -35.68 2.81
N PHE A 171 6.62 -36.15 2.06
CA PHE A 171 7.17 -35.38 0.96
C PHE A 171 6.99 -36.05 -0.40
N TYR A 172 7.44 -37.28 -0.58
CA TYR A 172 7.60 -37.83 -1.93
C TYR A 172 6.25 -37.99 -2.63
N ARG A 173 5.28 -38.59 -1.94
CA ARG A 173 3.96 -38.82 -2.53
C ARG A 173 3.36 -37.56 -3.13
N TYR A 174 3.79 -36.38 -2.67
CA TYR A 174 3.24 -35.12 -3.13
C TYR A 174 4.05 -34.51 -4.26
N GLY A 175 4.86 -35.30 -4.94
CA GLY A 175 5.57 -34.84 -6.12
C GLY A 175 6.92 -34.23 -5.83
N ILE A 176 7.70 -34.88 -4.98
CA ILE A 176 9.03 -34.43 -4.61
C ILE A 176 10.01 -35.57 -4.82
N LYS A 177 11.01 -35.37 -5.67
CA LYS A 177 12.06 -36.37 -5.82
C LYS A 177 12.88 -36.43 -4.53
N PRO A 178 13.19 -37.61 -4.00
CA PRO A 178 14.07 -37.68 -2.83
C PRO A 178 15.36 -36.90 -3.00
N GLU A 179 15.94 -36.91 -4.20
CA GLU A 179 17.22 -36.23 -4.40
C GLU A 179 17.15 -34.75 -4.08
N TRP A 180 16.00 -34.11 -4.35
CA TRP A 180 15.86 -32.69 -4.05
C TRP A 180 16.04 -32.38 -2.57
N MET A 181 16.05 -33.39 -1.71
CA MET A 181 16.18 -33.21 -0.28
C MET A 181 17.49 -33.78 0.25
N MET A 182 18.38 -34.21 -0.65
CA MET A 182 19.70 -34.70 -0.30
C MET A 182 20.74 -33.64 -0.60
N ILE A 183 21.78 -33.59 0.23
CA ILE A 183 22.84 -32.61 0.04
C ILE A 183 23.75 -33.05 -1.09
N HIS A 184 24.03 -32.13 -1.99
CA HIS A 184 25.12 -32.26 -2.96
C HIS A 184 26.40 -31.65 -2.43
N ARG A 185 26.34 -30.38 -2.02
CA ARG A 185 27.49 -29.64 -1.54
C ARG A 185 27.01 -28.65 -0.48
N ILE A 186 27.90 -28.33 0.45
CA ILE A 186 27.71 -27.19 1.34
C ILE A 186 28.63 -26.07 0.87
N LEU A 187 28.05 -24.89 0.64
CA LEU A 187 28.71 -23.81 -0.08
C LEU A 187 29.28 -22.72 0.83
N ASN A 188 28.68 -22.50 1.98
CA ASN A 188 29.04 -21.40 2.85
C ASN A 188 28.41 -21.65 4.20
N HIS A 189 28.73 -20.79 5.17
CA HIS A 189 28.11 -20.87 6.48
C HIS A 189 27.82 -19.47 7.00
N SER A 190 27.01 -19.41 8.05
CA SER A 190 26.68 -18.15 8.71
C SER A 190 26.31 -18.44 10.15
N VAL A 191 26.48 -17.45 11.03
CA VAL A 191 26.21 -17.60 12.45
C VAL A 191 25.15 -16.57 12.86
N ASP A 192 24.13 -17.02 13.58
CA ASP A 192 23.08 -16.13 14.04
C ASP A 192 23.60 -15.12 15.07
N LYS A 193 22.75 -14.14 15.35
CA LYS A 193 22.91 -13.30 16.54
C LYS A 193 22.93 -14.15 17.80
N LYS A 194 22.19 -15.27 17.81
CA LYS A 194 22.14 -16.19 18.94
C LYS A 194 23.23 -17.26 18.89
N GLY A 195 24.09 -17.25 17.88
CA GLY A 195 25.18 -18.21 17.80
C GLY A 195 24.86 -19.53 17.14
N HIS A 196 23.70 -19.64 16.50
CA HIS A 196 23.36 -20.86 15.78
C HIS A 196 23.99 -20.82 14.39
N VAL A 197 24.66 -21.90 14.01
CA VAL A 197 25.33 -21.94 12.72
C VAL A 197 24.31 -22.34 11.65
N HIS A 198 24.43 -21.73 10.48
CA HIS A 198 23.56 -21.97 9.34
C HIS A 198 24.43 -22.27 8.12
N TYR A 199 24.00 -23.22 7.31
CA TYR A 199 24.77 -23.66 6.16
C TYR A 199 24.00 -23.44 4.87
N LEU A 200 24.71 -22.94 3.86
CA LEU A 200 24.14 -22.79 2.53
C LEU A 200 24.32 -24.10 1.79
N ILE A 201 23.20 -24.72 1.41
CA ILE A 201 23.20 -26.08 0.88
C ILE A 201 22.82 -26.06 -0.60
N LYS A 202 23.67 -26.65 -1.41
CA LYS A 202 23.35 -27.03 -2.79
C LYS A 202 22.71 -28.41 -2.77
N TRP A 203 21.51 -28.52 -3.32
CA TRP A 203 20.73 -29.73 -3.26
C TRP A 203 20.96 -30.57 -4.52
N ARG A 204 20.98 -31.89 -4.35
CA ARG A 204 21.17 -32.76 -5.49
C ARG A 204 20.01 -32.65 -6.46
N ASP A 205 20.33 -32.65 -7.75
CA ASP A 205 19.38 -32.66 -8.85
C ASP A 205 18.75 -31.29 -9.04
N LEU A 206 19.29 -30.24 -8.42
CA LEU A 206 18.75 -28.89 -8.51
C LEU A 206 19.88 -27.90 -8.80
N PRO A 207 19.63 -26.88 -9.62
CA PRO A 207 20.69 -25.92 -9.96
C PRO A 207 21.14 -25.12 -8.74
N TYR A 208 22.21 -24.34 -8.91
CA TYR A 208 22.71 -23.60 -7.76
C TYR A 208 21.75 -22.51 -7.30
N ASP A 209 20.98 -21.92 -8.20
CA ASP A 209 20.05 -20.90 -7.77
C ASP A 209 18.93 -21.44 -6.89
N GLN A 210 18.86 -22.77 -6.70
CA GLN A 210 17.96 -23.38 -5.73
C GLN A 210 18.65 -23.72 -4.41
N ALA A 211 19.93 -23.39 -4.27
CA ALA A 211 20.58 -23.56 -2.98
C ALA A 211 19.86 -22.69 -1.96
N SER A 212 19.98 -23.07 -0.69
CA SER A 212 19.20 -22.41 0.34
C SER A 212 19.87 -22.61 1.68
N TRP A 213 19.73 -21.60 2.54
CA TRP A 213 20.27 -21.66 3.89
C TRP A 213 19.43 -22.62 4.73
N GLU A 214 20.11 -23.45 5.49
CA GLU A 214 19.45 -24.45 6.29
C GLU A 214 20.07 -24.44 7.68
N SER A 215 19.27 -24.75 8.69
CA SER A 215 19.79 -24.74 10.05
C SER A 215 20.77 -25.88 10.28
N GLU A 216 21.68 -25.63 11.22
CA GLU A 216 22.61 -26.67 11.67
C GLU A 216 21.86 -27.89 12.22
N ASP A 217 20.66 -27.68 12.75
CA ASP A 217 19.97 -28.70 13.53
C ASP A 217 18.94 -29.48 12.73
N VAL A 218 18.75 -29.18 11.45
CA VAL A 218 17.86 -29.98 10.61
C VAL A 218 18.45 -31.38 10.47
N GLU A 219 17.57 -32.37 10.37
CA GLU A 219 18.00 -33.77 10.31
C GLU A 219 18.06 -34.20 8.85
N ILE A 220 19.12 -33.73 8.18
CA ILE A 220 19.40 -34.06 6.78
C ILE A 220 20.29 -35.28 6.76
N GLN A 221 20.02 -36.21 5.85
CA GLN A 221 20.81 -37.42 5.75
C GLN A 221 22.27 -37.05 5.49
N ASP A 222 23.18 -37.65 6.26
CA ASP A 222 24.62 -37.41 6.14
C ASP A 222 24.99 -35.95 6.41
N TYR A 223 24.16 -35.21 7.15
CA TYR A 223 24.45 -33.80 7.40
C TYR A 223 25.86 -33.64 7.97
N ASP A 224 26.18 -34.45 8.99
CA ASP A 224 27.46 -34.32 9.68
C ASP A 224 28.63 -34.56 8.72
N LEU A 225 28.43 -35.44 7.74
CA LEU A 225 29.51 -35.80 6.83
C LEU A 225 29.80 -34.68 5.83
N PHE A 226 28.77 -33.92 5.45
CA PHE A 226 28.97 -32.76 4.58
C PHE A 226 29.47 -31.54 5.36
N LYS A 227 29.12 -31.45 6.65
CA LYS A 227 29.66 -30.38 7.49
C LYS A 227 31.17 -30.48 7.59
N GLN A 228 31.68 -31.66 7.98
CA GLN A 228 33.12 -31.80 8.13
C GLN A 228 33.84 -31.71 6.79
N SER A 229 33.16 -32.12 5.71
CA SER A 229 33.75 -31.96 4.38
C SER A 229 33.86 -30.48 4.02
N TYR A 230 32.87 -29.67 4.43
CA TYR A 230 32.93 -28.23 4.21
C TYR A 230 34.08 -27.59 4.97
N TRP A 231 34.32 -28.03 6.22
CA TRP A 231 35.39 -27.43 7.00
C TRP A 231 36.76 -27.92 6.56
N ASN A 232 36.84 -29.16 6.03
CA ASN A 232 38.09 -29.59 5.42
C ASN A 232 38.42 -28.74 4.19
N HIS A 233 37.40 -28.24 3.51
CA HIS A 233 37.63 -27.36 2.36
C HIS A 233 38.20 -26.03 2.82
N ARG A 234 37.83 -25.57 4.03
CA ARG A 234 38.43 -24.38 4.58
C ARG A 234 39.82 -24.68 5.14
N GLU A 235 40.00 -25.87 5.70
CA GLU A 235 41.31 -26.33 6.19
C GLU A 235 42.02 -25.26 7.03
N ASP B 5 9.46 -13.26 -11.27
CA ASP B 5 8.07 -12.85 -11.25
C ASP B 5 7.20 -13.96 -11.82
N HIS B 6 5.91 -13.92 -11.48
CA HIS B 6 4.92 -14.86 -11.99
C HIS B 6 3.94 -14.03 -12.81
N HIS B 7 4.24 -13.84 -14.08
CA HIS B 7 3.30 -13.16 -14.96
C HIS B 7 2.15 -14.08 -15.32
N MET B 8 1.01 -13.47 -15.62
CA MET B 8 -0.11 -14.19 -16.20
C MET B 8 0.34 -14.97 -17.42
N GLU B 9 -0.22 -16.18 -17.58
CA GLU B 9 0.06 -17.03 -18.71
C GLU B 9 -1.07 -16.99 -19.74
N PHE B 10 -1.86 -15.91 -19.74
CA PHE B 10 -3.06 -15.84 -20.56
C PHE B 10 -3.42 -14.38 -20.69
N CYS B 11 -4.01 -14.01 -21.82
CA CYS B 11 -4.21 -12.59 -22.10
C CYS B 11 -5.24 -12.00 -21.15
N ARG B 12 -4.94 -10.81 -20.64
CA ARG B 12 -5.84 -10.18 -19.68
C ARG B 12 -7.13 -9.70 -20.33
N VAL B 13 -7.17 -9.61 -21.66
CA VAL B 13 -8.35 -9.12 -22.37
C VAL B 13 -9.23 -10.29 -22.82
N CYS B 14 -8.66 -11.21 -23.59
CA CYS B 14 -9.42 -12.31 -24.17
C CYS B 14 -9.30 -13.61 -23.37
N LYS B 15 -8.37 -13.68 -22.43
CA LYS B 15 -8.27 -14.78 -21.48
C LYS B 15 -7.70 -16.03 -22.14
N ASP B 16 -7.15 -15.92 -23.36
CA ASP B 16 -6.49 -17.02 -24.03
C ASP B 16 -4.98 -16.93 -23.85
N GLY B 17 -4.31 -18.07 -24.09
CA GLY B 17 -2.87 -18.14 -24.05
C GLY B 17 -2.25 -17.83 -25.40
N GLY B 18 -0.97 -18.17 -25.52
CA GLY B 18 -0.22 -17.95 -26.74
C GLY B 18 0.99 -17.06 -26.50
N GLU B 19 1.43 -16.37 -27.55
CA GLU B 19 2.52 -15.43 -27.42
C GLU B 19 2.00 -14.17 -26.74
N LEU B 20 2.56 -13.87 -25.57
CA LEU B 20 2.05 -12.81 -24.72
C LEU B 20 3.14 -11.79 -24.47
N LEU B 21 2.74 -10.51 -24.48
CA LEU B 21 3.59 -9.42 -24.05
C LEU B 21 3.35 -9.15 -22.57
N CYS B 22 4.41 -9.16 -21.78
CA CYS B 22 4.31 -9.07 -20.34
C CYS B 22 4.80 -7.72 -19.85
N CYS B 23 4.06 -7.15 -18.90
CA CYS B 23 4.44 -5.87 -18.32
C CYS B 23 5.71 -6.04 -17.49
N ASP B 24 6.55 -5.00 -17.50
CA ASP B 24 7.77 -4.99 -16.72
C ASP B 24 7.57 -4.42 -15.32
N THR B 25 6.37 -3.95 -14.99
CA THR B 25 6.09 -3.41 -13.67
C THR B 25 4.93 -4.11 -12.95
N CYS B 26 4.22 -5.03 -13.61
CA CYS B 26 3.20 -5.81 -12.90
C CYS B 26 3.06 -7.17 -13.59
N PRO B 27 2.22 -8.07 -13.06
CA PRO B 27 2.10 -9.41 -13.65
C PRO B 27 1.24 -9.48 -14.90
N SER B 28 0.72 -8.37 -15.41
CA SER B 28 -0.22 -8.43 -16.52
C SER B 28 0.46 -9.00 -17.77
N SER B 29 -0.36 -9.58 -18.64
CA SER B 29 0.09 -10.17 -19.88
C SER B 29 -0.97 -9.94 -20.94
N TYR B 30 -0.54 -9.57 -22.15
CA TYR B 30 -1.44 -9.19 -23.22
C TYR B 30 -1.01 -9.80 -24.55
N HIS B 31 -1.99 -10.08 -25.40
CA HIS B 31 -1.70 -10.23 -26.82
C HIS B 31 -1.54 -8.84 -27.43
N ILE B 32 -0.57 -8.69 -28.33
CA ILE B 32 -0.37 -7.40 -28.98
C ILE B 32 -1.60 -7.02 -29.79
N HIS B 33 -2.33 -8.00 -30.33
CA HIS B 33 -3.56 -7.71 -31.05
C HIS B 33 -4.75 -7.45 -30.15
N CYS B 34 -4.61 -7.59 -28.84
CA CYS B 34 -5.68 -7.27 -27.91
C CYS B 34 -5.47 -5.93 -27.20
N LEU B 35 -4.29 -5.33 -27.33
CA LEU B 35 -4.10 -3.97 -26.83
C LEU B 35 -4.98 -3.02 -27.63
N ASN B 36 -5.18 -1.82 -27.08
CA ASN B 36 -6.05 -0.82 -27.70
C ASN B 36 -5.36 0.54 -27.69
N PRO B 37 -4.74 0.95 -28.81
CA PRO B 37 -4.71 0.26 -30.12
C PRO B 37 -3.71 -0.88 -30.17
N PRO B 38 -3.89 -1.82 -31.11
CA PRO B 38 -3.00 -2.98 -31.18
C PRO B 38 -1.57 -2.57 -31.47
N LEU B 39 -0.63 -3.50 -31.23
CA LEU B 39 0.76 -3.30 -31.59
C LEU B 39 1.17 -4.28 -32.69
N PRO B 40 2.04 -3.86 -33.61
CA PRO B 40 2.41 -4.74 -34.73
C PRO B 40 3.36 -5.85 -34.34
N GLU B 41 4.18 -5.65 -33.31
CA GLU B 41 5.07 -6.72 -32.86
C GLU B 41 5.42 -6.46 -31.41
N ILE B 42 5.94 -7.51 -30.75
CA ILE B 42 6.39 -7.39 -29.37
C ILE B 42 7.57 -6.42 -29.32
N PRO B 43 7.44 -5.27 -28.65
CA PRO B 43 8.53 -4.29 -28.65
C PRO B 43 9.77 -4.82 -27.97
N ASN B 44 10.83 -4.02 -28.06
CA ASN B 44 12.05 -4.23 -27.30
C ASN B 44 12.15 -3.18 -26.21
N GLY B 45 13.14 -3.33 -25.34
CA GLY B 45 13.24 -2.47 -24.18
C GLY B 45 12.01 -2.62 -23.32
N GLU B 46 11.90 -1.87 -22.23
CA GLU B 46 10.79 -2.11 -21.33
C GLU B 46 9.47 -1.80 -22.04
N TRP B 47 8.41 -2.43 -21.54
CA TRP B 47 7.04 -2.12 -21.93
C TRP B 47 6.20 -2.00 -20.67
N LEU B 48 5.43 -0.94 -20.56
CA LEU B 48 4.54 -0.74 -19.43
C LEU B 48 3.10 -0.89 -19.90
N CYS B 49 2.31 -1.68 -19.17
CA CYS B 49 1.00 -2.06 -19.64
C CYS B 49 -0.01 -0.95 -19.37
N PRO B 50 -1.19 -1.03 -19.98
CA PRO B 50 -2.18 0.05 -19.82
C PRO B 50 -2.60 0.29 -18.40
N ARG B 51 -2.49 -0.71 -17.54
CA ARG B 51 -2.84 -0.54 -16.13
C ARG B 51 -1.76 0.26 -15.41
N CYS B 52 -0.50 0.06 -15.79
CA CYS B 52 0.60 0.81 -15.18
C CYS B 52 0.72 2.23 -15.69
N THR B 53 0.24 2.52 -16.90
CA THR B 53 0.26 3.88 -17.43
C THR B 53 -1.10 4.56 -17.32
N CYS B 54 -2.04 3.97 -16.60
CA CYS B 54 -3.37 4.56 -16.47
C CYS B 54 -3.26 5.85 -15.66
N PRO B 55 -3.82 6.96 -16.14
CA PRO B 55 -3.79 8.19 -15.34
C PRO B 55 -4.64 8.05 -14.08
N ALA B 56 -4.18 8.68 -13.01
CA ALA B 56 -4.90 8.60 -11.74
C ALA B 56 -6.18 9.43 -11.81
N LEU B 57 -7.08 9.14 -10.88
CA LEU B 57 -8.34 9.84 -10.80
C LEU B 57 -8.15 11.21 -10.16
N LYS B 58 -9.12 12.09 -10.41
CA LYS B 58 -9.13 13.40 -9.77
C LYS B 58 -9.44 13.29 -8.28
N GLY B 59 -10.23 12.30 -7.90
CA GLY B 59 -10.52 12.08 -6.49
C GLY B 59 -11.23 10.76 -6.30
N LYS B 60 -11.91 10.63 -5.16
CA LYS B 60 -12.73 9.45 -4.92
C LYS B 60 -14.08 9.60 -5.61
N VAL B 61 -14.47 8.56 -6.33
CA VAL B 61 -15.74 8.55 -7.05
C VAL B 61 -16.87 8.28 -6.06
N GLN B 62 -17.91 9.12 -6.13
CA GLN B 62 -19.12 8.94 -5.34
C GLN B 62 -20.18 8.14 -6.08
N LYS B 63 -20.41 8.49 -7.35
CA LYS B 63 -21.54 7.96 -8.10
C LYS B 63 -21.23 8.04 -9.59
N ILE B 64 -21.58 6.98 -10.31
CA ILE B 64 -21.54 6.98 -11.76
C ILE B 64 -22.89 7.49 -12.27
N LEU B 65 -22.86 8.63 -12.95
CA LEU B 65 -24.11 9.22 -13.42
C LEU B 65 -24.60 8.57 -14.71
N ILE B 66 -23.69 8.33 -15.65
CA ILE B 66 -24.06 7.86 -16.98
C ILE B 66 -22.78 7.35 -17.65
N TRP B 67 -22.94 6.55 -18.70
CA TRP B 67 -21.79 6.19 -19.52
C TRP B 67 -22.16 6.23 -21.00
N LYS B 68 -21.14 6.40 -21.83
CA LYS B 68 -21.30 6.42 -23.28
C LYS B 68 -20.08 5.76 -23.90
N TRP B 69 -20.24 5.28 -25.13
CA TRP B 69 -19.09 4.84 -25.88
C TRP B 69 -18.31 6.06 -26.38
N GLY B 70 -17.02 6.11 -26.08
CA GLY B 70 -16.15 7.14 -26.60
C GLY B 70 -15.58 6.75 -27.97
N GLN B 71 -14.85 7.69 -28.56
CA GLN B 71 -14.23 7.41 -29.84
C GLN B 71 -13.05 6.45 -29.64
N PRO B 72 -12.72 5.65 -30.64
CA PRO B 72 -11.51 4.83 -30.55
C PRO B 72 -10.27 5.70 -30.62
N PRO B 73 -9.14 5.23 -30.09
CA PRO B 73 -7.90 5.99 -30.21
C PRO B 73 -7.43 6.01 -31.65
N SER B 74 -6.41 6.83 -31.91
CA SER B 74 -5.84 6.87 -33.25
C SER B 74 -5.20 5.52 -33.59
N PRO B 75 -5.33 5.06 -34.83
CA PRO B 75 -4.75 3.76 -35.19
C PRO B 75 -3.24 3.75 -34.98
N THR B 76 -2.71 2.57 -34.71
CA THR B 76 -1.27 2.41 -34.54
C THR B 76 -0.61 2.33 -35.92
N PRO B 77 0.32 3.23 -36.24
CA PRO B 77 0.96 3.17 -37.56
C PRO B 77 2.02 2.08 -37.61
N VAL B 78 2.01 1.32 -38.70
CA VAL B 78 2.89 0.16 -38.86
C VAL B 78 4.04 0.58 -39.77
N PRO B 79 5.29 0.41 -39.35
CA PRO B 79 6.41 0.86 -40.19
C PRO B 79 6.49 0.07 -41.48
N ARG B 80 7.03 0.74 -42.50
CA ARG B 80 7.09 0.17 -43.84
C ARG B 80 8.21 -0.85 -43.93
N PRO B 81 7.92 -2.11 -44.27
CA PRO B 81 8.99 -3.14 -44.31
C PRO B 81 10.18 -2.68 -45.14
N PRO B 82 11.37 -3.19 -44.84
CA PRO B 82 12.57 -2.67 -45.53
C PRO B 82 12.70 -3.14 -46.96
N ASP B 83 12.33 -4.40 -47.26
CA ASP B 83 12.50 -4.97 -48.59
C ASP B 83 11.30 -4.70 -49.50
N ALA B 84 10.56 -3.63 -49.25
CA ALA B 84 9.24 -3.46 -49.85
C ALA B 84 9.33 -2.91 -51.26
N ASP B 85 8.42 -3.38 -52.11
CA ASP B 85 8.24 -2.81 -53.43
C ASP B 85 7.83 -1.34 -53.29
N PRO B 86 8.49 -0.41 -53.99
CA PRO B 86 8.02 0.99 -53.93
C PRO B 86 6.55 1.17 -54.22
N ASN B 87 5.94 0.30 -55.03
CA ASN B 87 4.53 0.45 -55.37
C ASN B 87 3.59 -0.13 -54.32
N THR B 88 4.09 -0.93 -53.39
CA THR B 88 3.23 -1.49 -52.37
C THR B 88 2.67 -0.38 -51.47
N PRO B 89 1.36 -0.35 -51.20
CA PRO B 89 0.85 0.58 -50.21
C PRO B 89 1.56 0.42 -48.88
N SER B 90 1.69 1.51 -48.14
CA SER B 90 2.12 1.38 -46.76
C SER B 90 1.10 0.53 -46.02
N PRO B 91 1.54 -0.25 -45.03
CA PRO B 91 0.63 -1.17 -44.35
C PRO B 91 -0.50 -0.43 -43.64
N LYS B 92 -1.63 -1.10 -43.52
CA LYS B 92 -2.80 -0.50 -42.90
C LYS B 92 -2.52 -0.23 -41.41
N PRO B 93 -2.95 0.90 -40.87
CA PRO B 93 -2.80 1.12 -39.42
C PRO B 93 -3.64 0.13 -38.63
N LEU B 94 -3.15 -0.22 -37.44
CA LEU B 94 -3.84 -1.19 -36.59
C LEU B 94 -4.93 -0.47 -35.82
N GLU B 95 -6.18 -0.79 -36.12
CA GLU B 95 -7.32 -0.02 -35.63
C GLU B 95 -7.61 -0.40 -34.18
N GLY B 96 -8.02 0.59 -33.39
CA GLY B 96 -8.46 0.37 -32.04
C GLY B 96 -9.94 0.04 -31.99
N ARG B 97 -10.53 0.23 -30.82
CA ARG B 97 -11.95 -0.01 -30.61
C ARG B 97 -12.48 0.96 -29.57
N PRO B 98 -13.78 1.23 -29.57
CA PRO B 98 -14.33 2.16 -28.56
C PRO B 98 -14.19 1.61 -27.14
N GLU B 99 -13.89 2.51 -26.21
CA GLU B 99 -13.79 2.26 -24.79
C GLU B 99 -14.93 2.97 -24.08
N ARG B 100 -15.44 2.35 -23.01
CA ARG B 100 -16.56 2.94 -22.28
C ARG B 100 -16.07 4.12 -21.45
N GLN B 101 -16.81 5.22 -21.51
CA GLN B 101 -16.49 6.42 -20.76
C GLN B 101 -17.63 6.70 -19.78
N PHE B 102 -17.26 7.15 -18.58
CA PHE B 102 -18.20 7.26 -17.46
C PHE B 102 -18.18 8.67 -16.91
N PHE B 103 -19.37 9.22 -16.69
CA PHE B 103 -19.54 10.57 -16.14
C PHE B 103 -19.92 10.41 -14.67
N VAL B 104 -19.06 10.89 -13.78
CA VAL B 104 -19.16 10.57 -12.37
C VAL B 104 -19.27 11.84 -11.55
N LYS B 105 -19.91 11.72 -10.39
CA LYS B 105 -19.80 12.75 -9.36
C LYS B 105 -18.68 12.38 -8.41
N TRP B 106 -17.93 13.39 -7.98
CA TRP B 106 -16.79 13.19 -7.08
C TRP B 106 -17.22 13.52 -5.66
N GLN B 107 -16.83 12.66 -4.71
CA GLN B 107 -17.10 12.95 -3.31
C GLN B 107 -16.50 14.30 -2.93
N GLY B 108 -17.22 15.03 -2.08
CA GLY B 108 -16.80 16.33 -1.61
C GLY B 108 -16.80 17.45 -2.63
N MET B 109 -17.22 17.18 -3.87
CA MET B 109 -17.20 18.18 -4.93
C MET B 109 -18.61 18.36 -5.47
N SER B 110 -18.98 19.61 -5.76
CA SER B 110 -20.29 19.87 -6.34
C SER B 110 -20.42 19.18 -7.69
N TYR B 111 -21.64 19.18 -8.22
CA TYR B 111 -21.87 18.72 -9.58
C TYR B 111 -21.20 19.60 -10.63
N TRP B 112 -20.66 20.75 -10.25
CA TRP B 112 -19.89 21.56 -11.19
C TRP B 112 -18.59 20.90 -11.61
N HIS B 113 -18.11 19.92 -10.86
CA HIS B 113 -16.83 19.29 -11.12
C HIS B 113 -16.96 17.88 -11.70
N CYS B 114 -18.18 17.44 -12.00
CA CYS B 114 -18.37 16.16 -12.67
C CYS B 114 -17.57 16.11 -13.95
N SER B 115 -16.98 14.95 -14.22
CA SER B 115 -16.10 14.79 -15.36
C SER B 115 -16.15 13.34 -15.81
N TRP B 116 -15.35 13.02 -16.83
CA TRP B 116 -15.37 11.71 -17.46
C TRP B 116 -14.15 10.91 -17.05
N VAL B 117 -14.36 9.62 -16.83
CA VAL B 117 -13.27 8.68 -16.58
C VAL B 117 -13.51 7.46 -17.45
N SER B 118 -12.45 6.69 -17.66
CA SER B 118 -12.50 5.51 -18.53
C SER B 118 -12.90 4.27 -17.74
N GLU B 119 -13.37 3.25 -18.47
CA GLU B 119 -13.66 1.97 -17.83
C GLU B 119 -12.42 1.44 -17.12
N LEU B 120 -11.26 1.55 -17.76
CA LEU B 120 -10.01 1.13 -17.12
C LEU B 120 -9.85 1.77 -15.75
N GLN B 121 -10.03 3.09 -15.69
CA GLN B 121 -9.87 3.81 -14.44
C GLN B 121 -10.80 3.28 -13.36
N LEU B 122 -12.09 3.14 -13.67
CA LEU B 122 -13.02 2.60 -12.69
C LEU B 122 -12.65 1.17 -12.31
N GLU B 123 -12.49 0.31 -13.32
CA GLU B 123 -11.99 -1.04 -13.13
C GLU B 123 -10.83 -1.11 -12.15
N LEU B 124 -9.94 -0.14 -12.23
CA LEU B 124 -8.65 -0.21 -11.57
C LEU B 124 -8.67 0.44 -10.19
N HIS B 125 -9.43 1.53 -10.02
CA HIS B 125 -9.42 2.31 -8.79
C HIS B 125 -10.75 2.37 -8.07
N CYS B 126 -11.84 1.88 -8.66
CA CYS B 126 -13.17 1.93 -8.03
C CYS B 126 -13.89 0.62 -8.28
N GLN B 127 -13.19 -0.49 -8.08
CA GLN B 127 -13.68 -1.77 -8.59
C GLN B 127 -14.92 -2.26 -7.84
N VAL B 128 -14.93 -2.21 -6.51
CA VAL B 128 -16.17 -2.55 -5.79
C VAL B 128 -17.31 -1.73 -6.35
N MET B 129 -17.15 -0.41 -6.28
CA MET B 129 -18.21 0.51 -6.64
C MET B 129 -18.56 0.40 -8.12
N PHE B 130 -17.61 -0.03 -8.97
CA PHE B 130 -17.88 -0.24 -10.39
C PHE B 130 -18.53 -1.59 -10.65
N ARG B 131 -18.08 -2.65 -9.99
CA ARG B 131 -18.74 -3.96 -10.10
C ARG B 131 -20.24 -3.85 -9.80
N ASN B 132 -20.60 -3.06 -8.78
CA ASN B 132 -22.00 -2.90 -8.43
C ASN B 132 -22.78 -2.21 -9.54
N TYR B 133 -22.22 -1.13 -10.10
CA TYR B 133 -22.86 -0.49 -11.24
C TYR B 133 -23.05 -1.47 -12.38
N GLN B 134 -22.13 -2.42 -12.52
CA GLN B 134 -22.06 -3.29 -13.67
C GLN B 134 -23.12 -4.40 -13.57
N ARG B 135 -23.39 -4.86 -12.36
CA ARG B 135 -24.47 -5.83 -12.13
C ARG B 135 -25.85 -5.22 -12.40
N LYS B 136 -26.07 -3.97 -11.98
CA LYS B 136 -27.38 -3.35 -12.12
C LYS B 136 -27.71 -2.99 -13.56
N ASN B 137 -26.71 -2.67 -14.37
CA ASN B 137 -26.92 -2.04 -15.67
C ASN B 137 -26.55 -2.96 -16.82
N ASP B 138 -27.31 -2.83 -17.90
CA ASP B 138 -26.95 -3.44 -19.18
C ASP B 138 -25.83 -2.63 -19.82
N MET B 139 -24.67 -3.26 -20.00
CA MET B 139 -23.48 -2.56 -20.45
C MET B 139 -23.28 -2.66 -21.96
N ASP B 140 -24.33 -3.01 -22.70
CA ASP B 140 -24.26 -3.06 -24.15
C ASP B 140 -25.03 -1.92 -24.82
N GLU B 141 -25.92 -1.26 -24.10
CA GLU B 141 -26.69 -0.14 -24.65
C GLU B 141 -26.52 1.03 -23.69
N PRO B 142 -25.84 2.11 -24.08
CA PRO B 142 -25.61 3.20 -23.14
C PRO B 142 -26.92 3.82 -22.69
N PRO B 143 -27.00 4.27 -21.44
CA PRO B 143 -28.22 4.92 -20.97
C PRO B 143 -28.48 6.25 -21.65
N SER B 144 -29.64 6.81 -21.34
CA SER B 144 -30.05 8.12 -21.86
C SER B 144 -30.87 8.82 -20.78
N GLY B 145 -30.55 10.09 -20.52
CA GLY B 145 -31.23 10.85 -19.50
C GLY B 145 -31.46 12.29 -19.91
N PRO B 162 -29.36 30.92 -24.24
CA PRO B 162 -28.16 30.27 -24.80
C PRO B 162 -27.22 29.72 -23.75
N LYS B 163 -27.18 30.33 -22.57
CA LYS B 163 -26.36 29.78 -21.49
C LYS B 163 -26.89 28.41 -21.07
N PHE B 164 -28.21 28.28 -20.94
CA PHE B 164 -28.83 26.98 -20.75
C PHE B 164 -28.29 25.96 -21.75
N ALA B 165 -28.20 26.35 -23.02
CA ALA B 165 -27.75 25.41 -24.04
C ALA B 165 -26.36 24.87 -23.72
N GLU B 166 -25.49 25.71 -23.18
CA GLU B 166 -24.18 25.24 -22.74
C GLU B 166 -24.30 24.27 -21.57
N MET B 167 -24.99 24.68 -20.50
CA MET B 167 -25.21 23.78 -19.38
C MET B 167 -25.86 22.48 -19.85
N GLU B 168 -26.88 22.59 -20.72
CA GLU B 168 -27.56 21.40 -21.21
C GLU B 168 -26.58 20.43 -21.86
N GLU B 169 -25.65 20.95 -22.66
CA GLU B 169 -24.74 20.09 -23.39
C GLU B 169 -23.69 19.46 -22.48
N ARG B 170 -23.29 20.15 -21.41
CA ARG B 170 -22.19 19.70 -20.57
C ARG B 170 -22.65 18.91 -19.35
N PHE B 171 -23.76 19.30 -18.72
CA PHE B 171 -24.19 18.66 -17.48
C PHE B 171 -25.56 18.01 -17.58
N TYR B 172 -26.58 18.76 -18.02
CA TYR B 172 -27.96 18.31 -17.87
C TYR B 172 -28.22 17.03 -18.64
N ARG B 173 -27.75 16.97 -19.90
CA ARG B 173 -27.99 15.80 -20.73
C ARG B 173 -27.42 14.52 -20.13
N TYR B 174 -26.61 14.63 -19.08
CA TYR B 174 -25.96 13.49 -18.45
C TYR B 174 -26.59 13.15 -17.10
N GLY B 175 -27.81 13.61 -16.85
CA GLY B 175 -28.49 13.29 -15.61
C GLY B 175 -28.09 14.17 -14.44
N ILE B 176 -27.86 15.46 -14.68
CA ILE B 176 -27.64 16.42 -13.61
C ILE B 176 -28.80 17.39 -13.62
N LYS B 177 -29.67 17.28 -12.63
CA LYS B 177 -30.77 18.20 -12.47
C LYS B 177 -30.22 19.62 -12.26
N PRO B 178 -30.69 20.61 -13.02
CA PRO B 178 -30.07 21.95 -12.91
C PRO B 178 -30.06 22.51 -11.51
N GLU B 179 -31.14 22.32 -10.75
CA GLU B 179 -31.18 22.82 -9.37
C GLU B 179 -29.98 22.34 -8.56
N TRP B 180 -29.49 21.14 -8.84
CA TRP B 180 -28.33 20.62 -8.10
C TRP B 180 -27.10 21.49 -8.23
N MET B 181 -27.07 22.41 -9.18
CA MET B 181 -25.92 23.27 -9.41
C MET B 181 -26.19 24.71 -9.01
N MET B 182 -27.32 24.96 -8.35
CA MET B 182 -27.72 26.28 -7.89
C MET B 182 -27.56 26.37 -6.38
N ILE B 183 -27.24 27.57 -5.90
CA ILE B 183 -27.02 27.79 -4.48
C ILE B 183 -28.35 27.85 -3.76
N HIS B 184 -28.50 27.02 -2.73
CA HIS B 184 -29.60 27.20 -1.79
C HIS B 184 -29.25 28.26 -0.76
N ARG B 185 -28.08 28.13 -0.15
CA ARG B 185 -27.63 28.99 0.94
C ARG B 185 -26.20 28.64 1.26
N ILE B 186 -25.46 29.61 1.79
CA ILE B 186 -24.08 29.40 2.22
C ILE B 186 -24.08 29.15 3.72
N LEU B 187 -23.29 28.17 4.16
CA LEU B 187 -23.32 27.71 5.53
C LEU B 187 -22.11 28.12 6.34
N ASN B 188 -20.97 28.34 5.69
CA ASN B 188 -19.76 28.72 6.40
C ASN B 188 -18.74 29.21 5.38
N HIS B 189 -17.68 29.83 5.88
CA HIS B 189 -16.57 30.28 5.05
C HIS B 189 -15.28 29.75 5.65
N SER B 190 -14.20 29.90 4.89
CA SER B 190 -12.87 29.62 5.40
C SER B 190 -11.88 30.43 4.59
N VAL B 191 -10.79 30.84 5.24
CA VAL B 191 -9.77 31.67 4.61
C VAL B 191 -8.54 30.80 4.37
N ASP B 192 -8.07 30.78 3.12
CA ASP B 192 -6.97 29.92 2.71
C ASP B 192 -5.67 30.39 3.35
N LYS B 193 -4.65 29.54 3.26
CA LYS B 193 -3.31 29.92 3.71
C LYS B 193 -2.69 30.93 2.77
N LYS B 194 -2.90 30.75 1.46
CA LYS B 194 -2.44 31.76 0.49
C LYS B 194 -3.27 33.02 0.57
N GLY B 195 -4.47 32.96 1.14
CA GLY B 195 -5.32 34.13 1.31
C GLY B 195 -6.73 33.93 0.81
N HIS B 196 -6.90 33.07 -0.19
CA HIS B 196 -8.19 32.93 -0.86
C HIS B 196 -9.26 32.47 0.11
N VAL B 197 -10.51 32.79 -0.23
CA VAL B 197 -11.66 32.46 0.62
C VAL B 197 -12.44 31.33 -0.02
N HIS B 198 -13.00 30.48 0.83
CA HIS B 198 -13.77 29.32 0.40
C HIS B 198 -15.11 29.32 1.14
N TYR B 199 -16.15 28.87 0.44
CA TYR B 199 -17.51 28.87 0.99
C TYR B 199 -18.09 27.46 0.96
N LEU B 200 -18.62 27.05 2.10
CA LEU B 200 -19.42 25.82 2.19
C LEU B 200 -20.81 26.12 1.65
N ILE B 201 -21.18 25.46 0.56
CA ILE B 201 -22.42 25.74 -0.16
C ILE B 201 -23.34 24.55 -0.04
N LYS B 202 -24.57 24.79 0.42
CA LYS B 202 -25.65 23.84 0.24
C LYS B 202 -26.32 24.10 -1.10
N TRP B 203 -26.57 23.02 -1.84
CA TRP B 203 -27.13 23.09 -3.18
C TRP B 203 -28.62 22.81 -3.15
N ARG B 204 -29.34 23.38 -4.11
CA ARG B 204 -30.80 23.28 -4.11
C ARG B 204 -31.26 21.87 -4.43
N ASP B 205 -32.27 21.42 -3.70
CA ASP B 205 -32.87 20.10 -3.90
C ASP B 205 -31.86 18.98 -3.70
N LEU B 206 -30.83 19.24 -2.89
CA LEU B 206 -29.90 18.22 -2.41
C LEU B 206 -29.74 18.35 -0.91
N PRO B 207 -29.58 17.23 -0.19
CA PRO B 207 -29.52 17.28 1.27
C PRO B 207 -28.27 18.00 1.77
N TYR B 208 -28.26 18.25 3.08
CA TYR B 208 -27.14 18.95 3.70
C TYR B 208 -25.83 18.17 3.64
N ASP B 209 -25.90 16.85 3.59
CA ASP B 209 -24.67 16.07 3.49
C ASP B 209 -24.05 16.12 2.11
N GLN B 210 -24.70 16.76 1.13
CA GLN B 210 -24.10 17.03 -0.17
C GLN B 210 -23.51 18.44 -0.25
N ALA B 211 -23.54 19.19 0.84
CA ALA B 211 -22.88 20.49 0.88
C ALA B 211 -21.39 20.32 0.61
N SER B 212 -20.84 21.22 -0.20
CA SER B 212 -19.45 21.13 -0.61
C SER B 212 -18.79 22.50 -0.48
N TRP B 213 -17.47 22.48 -0.36
CA TRP B 213 -16.70 23.71 -0.37
C TRP B 213 -16.46 24.14 -1.83
N GLU B 214 -16.14 25.42 -2.00
CA GLU B 214 -16.01 25.97 -3.33
C GLU B 214 -15.31 27.31 -3.21
N SER B 215 -14.47 27.63 -4.20
CA SER B 215 -13.71 28.87 -4.16
C SER B 215 -14.63 30.09 -4.30
N GLU B 216 -14.14 31.22 -3.80
CA GLU B 216 -14.82 32.50 -3.97
C GLU B 216 -14.85 32.95 -5.42
N ASP B 217 -13.98 32.41 -6.27
CA ASP B 217 -13.75 32.95 -7.61
C ASP B 217 -14.41 32.12 -8.70
N VAL B 218 -15.31 31.21 -8.35
CA VAL B 218 -15.90 30.29 -9.33
C VAL B 218 -17.05 31.00 -10.03
N GLU B 219 -17.52 30.44 -11.14
CA GLU B 219 -18.62 31.02 -11.92
C GLU B 219 -19.92 30.33 -11.50
N ILE B 220 -20.52 30.83 -10.42
CA ILE B 220 -21.83 30.40 -9.96
C ILE B 220 -22.76 31.59 -10.08
N GLN B 221 -23.99 31.37 -10.56
CA GLN B 221 -24.89 32.49 -10.74
C GLN B 221 -25.35 33.01 -9.39
N ASP B 222 -25.54 34.32 -9.30
CA ASP B 222 -26.02 34.97 -8.09
C ASP B 222 -25.08 34.72 -6.91
N TYR B 223 -23.81 34.43 -7.19
CA TYR B 223 -22.89 34.01 -6.14
C TYR B 223 -22.48 35.19 -5.27
N ASP B 224 -22.37 36.39 -5.86
CA ASP B 224 -22.19 37.59 -5.06
C ASP B 224 -23.36 37.78 -4.11
N LEU B 225 -24.57 37.44 -4.56
CA LEU B 225 -25.76 37.64 -3.74
C LEU B 225 -25.74 36.78 -2.48
N PHE B 226 -25.45 35.47 -2.59
CA PHE B 226 -25.52 34.71 -1.36
C PHE B 226 -24.30 34.94 -0.46
N LYS B 227 -23.23 35.53 -0.99
CA LYS B 227 -22.15 35.98 -0.11
C LYS B 227 -22.64 37.07 0.81
N GLN B 228 -23.17 38.16 0.23
CA GLN B 228 -23.73 39.24 1.03
C GLN B 228 -24.79 38.71 2.01
N SER B 229 -25.64 37.80 1.54
CA SER B 229 -26.66 37.24 2.43
C SER B 229 -26.04 36.39 3.54
N TYR B 230 -24.90 35.77 3.26
CA TYR B 230 -24.20 35.01 4.30
C TYR B 230 -23.69 35.92 5.40
N TRP B 231 -23.09 37.05 5.04
CA TRP B 231 -22.52 37.93 6.04
C TRP B 231 -23.59 38.62 6.87
N ASN B 232 -24.76 38.90 6.26
CA ASN B 232 -25.82 39.59 6.98
C ASN B 232 -26.45 38.69 8.02
N HIS B 233 -26.60 37.39 7.72
CA HIS B 233 -27.16 36.46 8.70
C HIS B 233 -26.21 36.24 9.88
N ARG B 234 -24.94 35.94 9.60
CA ARG B 234 -24.06 35.43 10.63
C ARG B 234 -23.66 36.54 11.61
N ASP C 4 -8.79 20.22 9.93
CA ASP C 4 -8.99 19.00 9.15
C ASP C 4 -7.80 18.81 8.22
N ASP C 5 -7.09 19.91 7.97
CA ASP C 5 -5.82 19.90 7.26
C ASP C 5 -4.71 19.61 8.26
N HIS C 6 -4.06 18.45 8.11
CA HIS C 6 -3.04 18.03 9.06
C HIS C 6 -1.69 18.06 8.35
N HIS C 7 -1.09 19.23 8.31
CA HIS C 7 0.27 19.45 7.89
C HIS C 7 1.15 19.76 9.09
N MET C 8 2.44 19.51 8.91
CA MET C 8 3.44 19.97 9.87
C MET C 8 3.31 21.47 10.10
N GLU C 9 3.29 21.86 11.36
CA GLU C 9 3.27 23.27 11.75
C GLU C 9 4.68 23.81 12.02
N PHE C 10 5.70 23.01 11.69
CA PHE C 10 7.10 23.42 11.61
C PHE C 10 7.64 23.13 10.22
N CYS C 11 8.84 23.66 9.96
CA CYS C 11 9.61 23.28 8.78
C CYS C 11 10.35 21.98 9.03
N ARG C 12 10.31 21.08 8.05
CA ARG C 12 10.91 19.77 8.20
C ARG C 12 12.43 19.83 8.22
N VAL C 13 13.04 20.88 7.69
CA VAL C 13 14.49 20.98 7.61
C VAL C 13 15.06 21.59 8.88
N CYS C 14 14.59 22.79 9.23
CA CYS C 14 15.13 23.51 10.38
C CYS C 14 14.33 23.28 11.66
N LYS C 15 13.12 22.74 11.56
CA LYS C 15 12.26 22.40 12.70
C LYS C 15 11.60 23.62 13.34
N ASP C 16 11.65 24.79 12.70
CA ASP C 16 11.02 25.99 13.21
C ASP C 16 9.73 26.29 12.45
N GLY C 17 8.82 27.00 13.11
CA GLY C 17 7.56 27.39 12.51
C GLY C 17 7.69 28.64 11.66
N GLY C 18 6.57 29.36 11.51
CA GLY C 18 6.57 30.60 10.78
C GLY C 18 5.97 30.48 9.40
N GLU C 19 6.46 31.28 8.46
CA GLU C 19 5.98 31.22 7.08
C GLU C 19 6.37 29.88 6.48
N LEU C 20 5.37 29.07 6.11
CA LEU C 20 5.62 27.72 5.65
C LEU C 20 4.90 27.45 4.35
N LEU C 21 5.59 26.75 3.44
CA LEU C 21 5.01 26.20 2.23
C LEU C 21 4.67 24.74 2.48
N CYS C 22 3.45 24.34 2.12
CA CYS C 22 2.91 23.04 2.51
C CYS C 22 2.60 22.20 1.29
N CYS C 23 3.02 20.94 1.32
CA CYS C 23 2.89 20.06 0.17
C CYS C 23 1.43 19.75 -0.12
N ASP C 24 1.11 19.63 -1.41
CA ASP C 24 -0.25 19.32 -1.84
C ASP C 24 -0.52 17.82 -1.94
N THR C 25 0.50 16.98 -1.72
CA THR C 25 0.31 15.53 -1.78
C THR C 25 0.87 14.78 -0.58
N CYS C 26 1.44 15.48 0.41
CA CYS C 26 1.79 14.83 1.68
C CYS C 26 1.73 15.87 2.79
N PRO C 27 1.93 15.49 4.05
CA PRO C 27 1.83 16.47 5.15
C PRO C 27 3.01 17.42 5.29
N SER C 28 4.07 17.25 4.51
CA SER C 28 5.32 17.97 4.76
C SER C 28 5.14 19.48 4.63
N SER C 29 5.98 20.22 5.38
CA SER C 29 6.00 21.67 5.35
C SER C 29 7.44 22.16 5.29
N TYR C 30 7.64 23.31 4.66
CA TYR C 30 8.97 23.80 4.33
C TYR C 30 8.99 25.33 4.36
N HIS C 31 10.11 25.88 4.83
CA HIS C 31 10.43 27.27 4.52
C HIS C 31 10.95 27.35 3.09
N ILE C 32 10.50 28.36 2.35
CA ILE C 32 10.96 28.50 0.97
C ILE C 32 12.47 28.66 0.91
N HIS C 33 13.09 29.22 1.96
CA HIS C 33 14.53 29.37 2.01
C HIS C 33 15.27 28.15 2.54
N CYS C 34 14.55 27.12 3.01
CA CYS C 34 15.19 25.87 3.40
C CYS C 34 15.19 24.82 2.30
N LEU C 35 14.38 25.00 1.27
CA LEU C 35 14.45 24.15 0.10
C LEU C 35 15.83 24.25 -0.55
N ASN C 36 16.14 23.28 -1.40
CA ASN C 36 17.43 23.18 -2.06
C ASN C 36 17.20 22.74 -3.49
N PRO C 37 17.25 23.66 -4.46
CA PRO C 37 17.54 25.10 -4.34
C PRO C 37 16.39 25.89 -3.72
N PRO C 38 16.70 26.95 -2.96
CA PRO C 38 15.63 27.73 -2.33
C PRO C 38 14.75 28.41 -3.37
N LEU C 39 13.49 28.68 -2.96
CA LEU C 39 12.53 29.36 -3.81
C LEU C 39 12.45 30.84 -3.47
N PRO C 40 12.14 31.69 -4.45
CA PRO C 40 12.02 33.13 -4.15
C PRO C 40 10.81 33.46 -3.31
N GLU C 41 9.69 32.77 -3.54
CA GLU C 41 8.45 33.08 -2.85
C GLU C 41 7.56 31.85 -2.91
N ILE C 42 6.65 31.78 -1.93
CA ILE C 42 5.62 30.75 -1.90
C ILE C 42 4.98 30.65 -3.28
N PRO C 43 5.04 29.50 -3.96
CA PRO C 43 4.40 29.38 -5.27
C PRO C 43 2.92 29.72 -5.18
N ASN C 44 2.35 30.01 -6.35
CA ASN C 44 0.91 30.18 -6.50
C ASN C 44 0.44 29.05 -7.39
N GLY C 45 -0.45 28.20 -6.88
CA GLY C 45 -0.77 26.96 -7.52
C GLY C 45 -0.12 25.76 -6.85
N GLU C 46 -0.29 24.61 -7.50
CA GLU C 46 0.20 23.36 -6.94
C GLU C 46 1.69 23.43 -6.63
N TRP C 47 2.09 22.75 -5.54
CA TRP C 47 3.49 22.59 -5.18
C TRP C 47 3.68 21.20 -4.59
N LEU C 48 4.65 20.46 -5.11
CA LEU C 48 4.97 19.13 -4.62
C LEU C 48 6.33 19.18 -3.95
N CYS C 49 6.42 18.62 -2.75
CA CYS C 49 7.62 18.80 -1.94
C CYS C 49 8.74 17.91 -2.48
N PRO C 50 9.97 18.13 -2.02
CA PRO C 50 11.10 17.29 -2.47
C PRO C 50 10.87 15.81 -2.26
N ARG C 51 10.18 15.44 -1.17
CA ARG C 51 9.91 14.04 -0.92
C ARG C 51 8.97 13.45 -1.96
N CYS C 52 7.97 14.23 -2.38
CA CYS C 52 6.98 13.74 -3.33
C CYS C 52 7.50 13.70 -4.76
N THR C 53 8.57 14.43 -5.07
CA THR C 53 9.20 14.35 -6.39
C THR C 53 10.47 13.52 -6.37
N CYS C 54 10.79 12.87 -5.25
CA CYS C 54 12.01 12.10 -5.15
C CYS C 54 11.90 10.88 -6.05
N PRO C 55 12.81 10.68 -7.00
CA PRO C 55 12.73 9.47 -7.84
C PRO C 55 12.98 8.22 -7.02
N ALA C 56 12.39 7.12 -7.49
CA ALA C 56 12.49 5.86 -6.78
C ALA C 56 13.86 5.23 -6.99
N LEU C 57 14.18 4.26 -6.13
CA LEU C 57 15.47 3.60 -6.19
C LEU C 57 15.48 2.57 -7.32
N LYS C 58 16.69 2.24 -7.77
CA LYS C 58 16.87 1.26 -8.82
C LYS C 58 16.66 -0.17 -8.32
N GLY C 59 16.63 -0.37 -7.02
CA GLY C 59 16.37 -1.68 -6.42
C GLY C 59 16.34 -1.58 -4.91
N LYS C 60 16.83 -2.59 -4.22
CA LYS C 60 16.93 -2.58 -2.78
C LYS C 60 18.39 -2.47 -2.36
N VAL C 61 18.67 -1.51 -1.48
CA VAL C 61 20.04 -1.20 -1.07
C VAL C 61 20.55 -2.32 -0.17
N GLN C 62 21.58 -3.03 -0.62
CA GLN C 62 22.22 -4.07 0.17
C GLN C 62 23.24 -3.49 1.14
N LYS C 63 23.95 -2.43 0.72
CA LYS C 63 25.08 -1.94 1.50
C LYS C 63 25.49 -0.58 0.95
N ILE C 64 25.93 0.30 1.85
CA ILE C 64 26.45 1.60 1.47
C ILE C 64 27.97 1.51 1.47
N LEU C 65 28.58 1.81 0.32
CA LEU C 65 30.02 1.65 0.18
C LEU C 65 30.78 2.92 0.57
N ILE C 66 30.24 4.09 0.25
CA ILE C 66 30.96 5.34 0.46
C ILE C 66 29.97 6.50 0.27
N TRP C 67 30.34 7.70 0.72
CA TRP C 67 29.57 8.89 0.36
C TRP C 67 30.50 10.07 0.13
N LYS C 68 30.16 10.91 -0.84
CA LYS C 68 30.84 12.18 -1.07
C LYS C 68 29.81 13.28 -1.26
N TRP C 69 30.28 14.52 -1.23
CA TRP C 69 29.43 15.68 -1.48
C TRP C 69 29.24 15.86 -2.97
N GLY C 70 27.99 16.04 -3.40
CA GLY C 70 27.68 16.22 -4.80
C GLY C 70 27.72 17.67 -5.23
N GLN C 71 27.57 17.87 -6.54
CA GLN C 71 27.58 19.22 -7.09
C GLN C 71 26.30 19.95 -6.74
N PRO C 72 26.36 21.25 -6.46
CA PRO C 72 25.13 22.01 -6.26
C PRO C 72 24.25 21.93 -7.49
N PRO C 73 22.94 21.97 -7.33
CA PRO C 73 22.03 21.81 -8.48
C PRO C 73 21.82 23.13 -9.20
N SER C 74 21.08 23.06 -10.31
CA SER C 74 20.68 24.26 -11.03
C SER C 74 20.03 25.24 -10.08
N PRO C 75 20.40 26.52 -10.11
CA PRO C 75 19.77 27.50 -9.22
C PRO C 75 18.33 27.79 -9.65
N THR C 76 17.59 28.40 -8.75
CA THR C 76 16.17 28.67 -8.98
C THR C 76 16.00 29.99 -9.71
N PRO C 77 15.38 30.00 -10.89
CA PRO C 77 15.08 31.29 -11.54
C PRO C 77 14.26 32.20 -10.64
N VAL C 78 14.48 33.49 -10.79
CA VAL C 78 13.74 34.51 -10.05
C VAL C 78 13.02 35.40 -11.06
N PRO C 79 11.74 35.72 -10.85
CA PRO C 79 11.03 36.55 -11.83
C PRO C 79 11.25 38.03 -11.58
N ARG C 80 11.40 38.78 -12.66
CA ARG C 80 11.60 40.22 -12.55
C ARG C 80 10.47 40.85 -11.74
N PRO C 81 10.77 41.67 -10.75
CA PRO C 81 9.72 42.28 -9.93
C PRO C 81 8.67 42.96 -10.79
N PRO C 82 7.48 43.21 -10.25
CA PRO C 82 6.37 43.68 -11.11
C PRO C 82 6.66 45.02 -11.78
N ASP C 83 6.99 46.04 -11.01
CA ASP C 83 7.34 47.36 -11.55
C ASP C 83 8.83 47.60 -11.45
N ALA C 84 9.63 46.56 -11.69
CA ALA C 84 11.08 46.70 -11.67
C ALA C 84 11.46 47.75 -12.70
N ASP C 85 11.93 48.91 -12.26
CA ASP C 85 12.25 49.98 -13.18
C ASP C 85 13.13 49.45 -14.31
N PRO C 86 12.96 49.94 -15.53
CA PRO C 86 13.68 49.36 -16.68
C PRO C 86 15.16 49.09 -16.51
N ASN C 87 15.98 50.07 -16.09
CA ASN C 87 17.42 49.84 -16.17
C ASN C 87 17.85 48.70 -15.25
N THR C 88 17.14 48.52 -14.12
CA THR C 88 17.59 47.57 -13.12
C THR C 88 17.78 46.19 -13.75
N PRO C 89 18.98 45.61 -13.67
CA PRO C 89 19.17 44.27 -14.25
C PRO C 89 18.35 43.22 -13.51
N SER C 90 18.13 42.10 -14.19
CA SER C 90 17.28 41.06 -13.66
C SER C 90 17.90 40.44 -12.40
N PRO C 91 17.08 39.92 -11.49
CA PRO C 91 17.62 39.41 -10.22
C PRO C 91 18.40 38.11 -10.40
N LYS C 92 19.28 37.88 -9.43
CA LYS C 92 20.15 36.71 -9.46
C LYS C 92 19.33 35.43 -9.28
N PRO C 93 19.68 34.34 -9.97
CA PRO C 93 19.07 33.05 -9.65
C PRO C 93 19.51 32.56 -8.29
N LEU C 94 18.56 31.99 -7.54
CA LEU C 94 18.82 31.58 -6.17
C LEU C 94 19.66 30.31 -6.17
N GLU C 95 20.83 30.38 -5.55
CA GLU C 95 21.80 29.28 -5.58
C GLU C 95 21.51 28.34 -4.42
N GLY C 96 21.43 27.04 -4.72
CA GLY C 96 21.33 26.02 -3.71
C GLY C 96 22.69 25.56 -3.22
N ARG C 97 22.66 24.54 -2.37
CA ARG C 97 23.85 23.98 -1.74
C ARG C 97 24.00 22.52 -2.11
N PRO C 98 25.19 21.94 -1.90
CA PRO C 98 25.40 20.54 -2.28
C PRO C 98 24.71 19.58 -1.33
N GLU C 99 24.24 18.47 -1.89
CA GLU C 99 23.64 17.36 -1.16
C GLU C 99 24.63 16.19 -1.10
N ARG C 100 24.56 15.43 -0.02
CA ARG C 100 25.31 14.19 0.06
C ARG C 100 24.75 13.19 -0.96
N GLN C 101 25.60 12.26 -1.38
CA GLN C 101 25.13 11.17 -2.21
C GLN C 101 26.03 9.96 -2.01
N PHE C 102 25.43 8.79 -2.13
CA PHE C 102 25.95 7.54 -1.59
C PHE C 102 26.11 6.52 -2.70
N PHE C 103 27.16 5.71 -2.60
CA PHE C 103 27.49 4.72 -3.62
C PHE C 103 27.14 3.35 -3.03
N VAL C 104 26.17 2.67 -3.64
CA VAL C 104 25.50 1.55 -3.00
C VAL C 104 25.75 0.27 -3.78
N LYS C 105 25.93 -0.83 -3.05
CA LYS C 105 25.81 -2.17 -3.59
C LYS C 105 24.34 -2.58 -3.52
N TRP C 106 23.81 -3.04 -4.65
CA TRP C 106 22.39 -3.38 -4.75
C TRP C 106 22.16 -4.85 -4.44
N GLN C 107 21.04 -5.13 -3.78
CA GLN C 107 20.68 -6.50 -3.43
C GLN C 107 20.40 -7.31 -4.68
N GLY C 108 21.04 -8.48 -4.79
CA GLY C 108 20.84 -9.34 -5.93
C GLY C 108 21.48 -8.88 -7.21
N MET C 109 22.33 -7.85 -7.16
CA MET C 109 23.02 -7.35 -8.34
C MET C 109 24.51 -7.34 -8.04
N SER C 110 25.32 -7.51 -9.08
CA SER C 110 26.76 -7.52 -8.88
C SER C 110 27.25 -6.10 -8.61
N TYR C 111 28.54 -6.01 -8.29
CA TYR C 111 29.18 -4.71 -8.11
C TYR C 111 29.30 -3.93 -9.40
N TRP C 112 29.07 -4.56 -10.56
CA TRP C 112 28.97 -3.81 -11.81
C TRP C 112 27.83 -2.81 -11.79
N HIS C 113 26.82 -3.05 -10.97
CA HIS C 113 25.61 -2.25 -10.94
C HIS C 113 25.61 -1.22 -9.81
N CYS C 114 26.73 -1.08 -9.09
CA CYS C 114 26.84 -0.08 -8.05
C CYS C 114 26.65 1.32 -8.63
N SER C 115 25.83 2.12 -7.96
CA SER C 115 25.42 3.42 -8.49
C SER C 115 25.25 4.39 -7.31
N TRP C 116 24.87 5.61 -7.64
CA TRP C 116 24.78 6.69 -6.66
C TRP C 116 23.32 7.00 -6.36
N VAL C 117 23.03 7.24 -5.08
CA VAL C 117 21.71 7.67 -4.64
C VAL C 117 21.88 8.90 -3.76
N SER C 118 20.82 9.70 -3.67
CA SER C 118 20.84 10.90 -2.86
C SER C 118 20.49 10.57 -1.42
N GLU C 119 20.89 11.46 -0.51
CA GLU C 119 20.54 11.27 0.90
C GLU C 119 19.03 11.21 1.07
N LEU C 120 18.29 12.04 0.33
CA LEU C 120 16.83 11.99 0.39
C LEU C 120 16.31 10.62 0.01
N GLN C 121 16.85 10.03 -1.06
CA GLN C 121 16.45 8.68 -1.46
C GLN C 121 16.66 7.67 -0.34
N LEU C 122 17.80 7.74 0.36
CA LEU C 122 18.05 6.79 1.43
C LEU C 122 17.15 7.08 2.63
N GLU C 123 17.10 8.33 3.08
CA GLU C 123 16.18 8.72 4.14
C GLU C 123 14.77 8.26 3.85
N LEU C 124 14.37 8.25 2.58
CA LEU C 124 12.97 8.06 2.24
C LEU C 124 12.62 6.60 2.03
N HIS C 125 13.58 5.80 1.53
CA HIS C 125 13.31 4.42 1.16
C HIS C 125 14.14 3.39 1.92
N CYS C 126 15.29 3.76 2.47
CA CYS C 126 16.14 2.85 3.22
C CYS C 126 16.49 3.46 4.58
N GLN C 127 15.49 4.06 5.23
CA GLN C 127 15.72 4.83 6.44
C GLN C 127 16.41 4.01 7.52
N VAL C 128 15.80 2.89 7.93
CA VAL C 128 16.40 2.05 8.97
C VAL C 128 17.86 1.80 8.66
N MET C 129 18.13 1.28 7.48
CA MET C 129 19.50 1.01 7.05
C MET C 129 20.33 2.28 7.07
N PHE C 130 19.75 3.42 6.70
CA PHE C 130 20.50 4.67 6.65
C PHE C 130 20.82 5.19 8.04
N ARG C 131 19.95 4.95 9.02
CA ARG C 131 20.21 5.38 10.39
C ARG C 131 21.39 4.63 10.98
N ASN C 132 21.44 3.32 10.77
CA ASN C 132 22.57 2.53 11.25
C ASN C 132 23.88 3.05 10.68
N TYR C 133 23.87 3.48 9.41
CA TYR C 133 25.08 4.01 8.79
C TYR C 133 25.51 5.30 9.47
N GLN C 134 24.57 6.19 9.80
CA GLN C 134 24.97 7.49 10.32
C GLN C 134 25.59 7.37 11.71
N ARG C 135 25.02 6.51 12.56
CA ARG C 135 25.54 6.40 13.93
C ARG C 135 26.96 5.85 13.93
N LYS C 136 27.30 5.02 12.95
CA LYS C 136 28.64 4.46 12.82
C LYS C 136 29.60 5.35 12.04
N ASN C 137 29.18 6.56 11.64
CA ASN C 137 29.95 7.31 10.67
C ASN C 137 29.85 8.81 10.92
N ASP C 138 30.97 9.49 10.77
CA ASP C 138 31.00 10.96 10.73
C ASP C 138 30.41 11.42 9.41
N MET C 139 29.19 11.93 9.45
CA MET C 139 28.57 12.48 8.25
C MET C 139 29.03 13.90 7.96
N ASP C 140 30.14 14.31 8.57
CA ASP C 140 30.70 15.64 8.41
C ASP C 140 32.02 15.64 7.65
N GLU C 141 32.64 14.48 7.45
CA GLU C 141 33.86 14.33 6.68
C GLU C 141 33.75 13.11 5.77
N PRO C 142 33.61 13.29 4.46
CA PRO C 142 33.46 12.13 3.58
C PRO C 142 34.68 11.25 3.62
N PRO C 143 34.52 9.92 3.50
CA PRO C 143 35.67 9.02 3.65
C PRO C 143 36.70 9.17 2.55
N SER C 144 37.76 8.37 2.64
CA SER C 144 38.84 8.34 1.65
C SER C 144 38.32 8.54 0.22
N LYS C 160 44.12 -6.05 -18.61
CA LYS C 160 43.57 -4.75 -19.00
C LYS C 160 44.57 -3.63 -18.73
N ASP C 161 45.23 -3.17 -19.79
CA ASP C 161 46.24 -2.13 -19.60
C ASP C 161 45.56 -0.82 -19.26
N PRO C 162 44.74 -0.22 -20.16
CA PRO C 162 44.04 1.01 -19.80
C PRO C 162 42.67 0.81 -19.15
N LYS C 163 42.02 -0.34 -19.37
CA LYS C 163 40.75 -0.59 -18.70
C LYS C 163 40.85 -0.42 -17.19
N PHE C 164 41.98 -0.81 -16.60
CA PHE C 164 42.18 -0.58 -15.16
C PHE C 164 41.88 0.86 -14.79
N ALA C 165 42.32 1.80 -15.63
CA ALA C 165 42.21 3.23 -15.30
C ALA C 165 40.76 3.64 -15.08
N GLU C 166 39.90 3.35 -16.06
CA GLU C 166 38.49 3.72 -15.91
C GLU C 166 37.76 2.81 -14.94
N MET C 167 38.19 1.56 -14.81
CA MET C 167 37.63 0.69 -13.77
C MET C 167 38.08 1.16 -12.39
N GLU C 168 39.32 1.65 -12.28
CA GLU C 168 39.73 2.36 -11.09
C GLU C 168 38.82 3.55 -10.82
N GLU C 169 38.52 4.33 -11.85
CA GLU C 169 37.79 5.58 -11.65
C GLU C 169 36.35 5.31 -11.23
N ARG C 170 35.66 4.41 -11.93
CA ARG C 170 34.23 4.24 -11.71
C ARG C 170 33.92 3.41 -10.48
N PHE C 171 34.74 2.39 -10.16
CA PHE C 171 34.40 1.46 -9.09
C PHE C 171 35.44 1.36 -7.98
N TYR C 172 36.72 1.16 -8.33
CA TYR C 172 37.67 0.67 -7.33
C TYR C 172 37.87 1.69 -6.22
N ARG C 173 37.87 2.98 -6.57
CA ARG C 173 38.01 4.05 -5.57
C ARG C 173 37.12 3.80 -4.37
N TYR C 174 35.87 3.43 -4.61
CA TYR C 174 34.83 3.51 -3.60
C TYR C 174 34.74 2.24 -2.77
N GLY C 175 35.82 1.46 -2.70
CA GLY C 175 35.84 0.27 -1.86
C GLY C 175 35.34 -0.98 -2.56
N ILE C 176 35.80 -1.20 -3.79
CA ILE C 176 35.44 -2.38 -4.56
C ILE C 176 36.73 -3.07 -4.98
N LYS C 177 37.04 -4.20 -4.36
CA LYS C 177 38.16 -5.00 -4.84
C LYS C 177 37.91 -5.40 -6.29
N PRO C 178 38.92 -5.32 -7.16
CA PRO C 178 38.69 -5.71 -8.57
C PRO C 178 38.30 -7.17 -8.72
N GLU C 179 38.72 -8.04 -7.81
CA GLU C 179 38.34 -9.44 -7.87
C GLU C 179 36.82 -9.59 -7.81
N TRP C 180 36.15 -8.76 -7.00
CA TRP C 180 34.71 -8.84 -6.86
C TRP C 180 33.96 -8.68 -8.17
N MET C 181 34.61 -8.21 -9.23
CA MET C 181 33.97 -7.97 -10.51
C MET C 181 34.47 -8.92 -11.58
N MET C 182 35.29 -9.90 -11.20
CA MET C 182 35.84 -10.90 -12.10
C MET C 182 35.09 -12.22 -11.92
N ILE C 183 35.00 -12.99 -13.00
CA ILE C 183 34.25 -14.25 -12.97
C ILE C 183 35.11 -15.33 -12.33
N HIS C 184 34.53 -16.01 -11.34
CA HIS C 184 35.11 -17.24 -10.82
C HIS C 184 34.66 -18.43 -11.66
N ARG C 185 33.35 -18.60 -11.81
CA ARG C 185 32.76 -19.62 -12.68
C ARG C 185 31.32 -19.23 -12.95
N ILE C 186 30.79 -19.72 -14.06
CA ILE C 186 29.39 -19.56 -14.39
C ILE C 186 28.65 -20.82 -13.94
N LEU C 187 27.59 -20.62 -13.15
CA LEU C 187 26.93 -21.71 -12.46
C LEU C 187 25.68 -22.21 -13.18
N ASN C 188 25.03 -21.36 -13.97
CA ASN C 188 23.79 -21.74 -14.64
C ASN C 188 23.51 -20.68 -15.69
N HIS C 189 22.42 -20.89 -16.44
CA HIS C 189 22.00 -19.95 -17.47
C HIS C 189 20.47 -19.91 -17.49
N SER C 190 19.94 -18.87 -18.13
CA SER C 190 18.51 -18.74 -18.31
C SER C 190 18.26 -18.00 -19.62
N VAL C 191 17.24 -18.44 -20.35
CA VAL C 191 16.81 -17.80 -21.59
C VAL C 191 15.47 -17.13 -21.30
N ASP C 192 15.43 -15.81 -21.36
CA ASP C 192 14.21 -15.08 -21.04
C ASP C 192 13.26 -15.16 -22.24
N LYS C 193 12.15 -14.43 -22.17
CA LYS C 193 11.08 -14.60 -23.14
C LYS C 193 11.45 -14.00 -24.48
N LYS C 194 12.18 -12.88 -24.48
CA LYS C 194 12.66 -12.27 -25.71
C LYS C 194 13.91 -12.94 -26.25
N GLY C 195 14.35 -14.05 -25.65
CA GLY C 195 15.42 -14.86 -26.18
C GLY C 195 16.81 -14.49 -25.71
N HIS C 196 16.95 -13.51 -24.83
CA HIS C 196 18.26 -13.11 -24.36
C HIS C 196 18.73 -14.05 -23.26
N VAL C 197 20.03 -14.35 -23.26
CA VAL C 197 20.60 -15.32 -22.33
C VAL C 197 21.18 -14.57 -21.14
N HIS C 198 20.96 -15.11 -19.95
CA HIS C 198 21.48 -14.57 -18.71
C HIS C 198 22.30 -15.67 -18.05
N TYR C 199 23.38 -15.29 -17.38
CA TYR C 199 24.26 -16.25 -16.74
C TYR C 199 24.34 -15.96 -15.25
N LEU C 200 24.13 -16.99 -14.44
CA LEU C 200 24.38 -16.92 -13.00
C LEU C 200 25.88 -17.00 -12.78
N ILE C 201 26.48 -15.91 -12.30
CA ILE C 201 27.92 -15.80 -12.18
C ILE C 201 28.30 -15.84 -10.71
N LYS C 202 29.30 -16.65 -10.39
CA LYS C 202 29.98 -16.56 -9.12
C LYS C 202 31.21 -15.66 -9.28
N TRP C 203 31.32 -14.66 -8.43
CA TRP C 203 32.39 -13.68 -8.51
C TRP C 203 33.56 -14.13 -7.65
N ARG C 204 34.77 -13.73 -8.05
CA ARG C 204 35.95 -14.14 -7.31
C ARG C 204 36.03 -13.43 -5.97
N ASP C 205 36.41 -14.20 -4.95
CA ASP C 205 36.53 -13.72 -3.57
C ASP C 205 35.20 -13.20 -3.03
N LEU C 206 34.10 -13.82 -3.45
CA LEU C 206 32.78 -13.62 -2.86
C LEU C 206 32.12 -14.98 -2.73
N PRO C 207 31.38 -15.24 -1.64
CA PRO C 207 30.78 -16.57 -1.43
C PRO C 207 29.71 -16.89 -2.46
N TYR C 208 29.09 -18.09 -2.43
CA TYR C 208 28.12 -18.38 -3.47
C TYR C 208 26.82 -17.61 -3.28
N ASP C 209 26.46 -17.29 -2.04
CA ASP C 209 25.26 -16.49 -1.82
C ASP C 209 25.37 -15.10 -2.43
N GLN C 210 26.54 -14.71 -2.90
CA GLN C 210 26.72 -13.46 -3.63
C GLN C 210 26.70 -13.63 -5.15
N ALA C 211 26.45 -14.84 -5.64
CA ALA C 211 26.25 -15.02 -7.07
C ALA C 211 25.10 -14.16 -7.55
N SER C 212 25.12 -13.79 -8.83
CA SER C 212 24.09 -12.93 -9.38
C SER C 212 23.96 -13.18 -10.87
N TRP C 213 22.79 -12.84 -11.40
CA TRP C 213 22.47 -13.03 -12.81
C TRP C 213 22.94 -11.82 -13.61
N GLU C 214 23.58 -12.08 -14.74
CA GLU C 214 24.05 -11.04 -15.64
C GLU C 214 23.65 -11.39 -17.07
N SER C 215 23.24 -10.37 -17.82
CA SER C 215 22.95 -10.55 -19.23
C SER C 215 24.20 -11.04 -19.97
N GLU C 216 23.97 -11.71 -21.09
CA GLU C 216 25.06 -12.08 -21.99
C GLU C 216 25.77 -10.86 -22.56
N ASP C 217 25.15 -9.68 -22.49
CA ASP C 217 25.63 -8.51 -23.23
C ASP C 217 26.52 -7.59 -22.41
N VAL C 218 26.55 -7.74 -21.07
CA VAL C 218 27.44 -6.93 -20.26
C VAL C 218 28.89 -7.21 -20.66
N GLU C 219 29.76 -6.21 -20.46
CA GLU C 219 31.17 -6.32 -20.82
C GLU C 219 31.97 -6.67 -19.58
N ILE C 220 32.06 -7.98 -19.29
CA ILE C 220 32.87 -8.51 -18.21
C ILE C 220 34.16 -9.07 -18.81
N GLN C 221 35.25 -8.99 -18.05
CA GLN C 221 36.55 -9.44 -18.55
C GLN C 221 36.54 -10.92 -18.85
N ASP C 222 36.99 -11.30 -20.05
CA ASP C 222 37.11 -12.69 -20.45
C ASP C 222 35.75 -13.40 -20.42
N TYR C 223 34.67 -12.65 -20.64
CA TYR C 223 33.33 -13.17 -20.39
C TYR C 223 32.95 -14.21 -21.44
N ASP C 224 33.33 -14.00 -22.71
CA ASP C 224 33.04 -15.00 -23.74
C ASP C 224 33.82 -16.29 -23.52
N LEU C 225 34.96 -16.24 -22.79
CA LEU C 225 35.67 -17.46 -22.44
C LEU C 225 34.91 -18.26 -21.38
N PHE C 226 34.43 -17.61 -20.33
CA PHE C 226 33.70 -18.32 -19.29
C PHE C 226 32.39 -18.90 -19.82
N LYS C 227 31.75 -18.23 -20.79
CA LYS C 227 30.56 -18.81 -21.40
C LYS C 227 30.92 -20.08 -22.15
N GLN C 228 32.07 -20.08 -22.82
CA GLN C 228 32.52 -21.24 -23.56
C GLN C 228 32.91 -22.38 -22.61
N SER C 229 33.59 -22.07 -21.52
CA SER C 229 33.78 -23.07 -20.46
C SER C 229 32.45 -23.61 -19.97
N TYR C 230 31.51 -22.71 -19.61
CA TYR C 230 30.19 -23.13 -19.17
C TYR C 230 29.66 -24.26 -20.04
N TRP C 231 29.46 -23.93 -21.33
CA TRP C 231 28.69 -24.78 -22.23
C TRP C 231 29.46 -26.06 -22.55
N ASN C 232 30.77 -25.95 -22.70
CA ASN C 232 31.58 -27.15 -22.86
C ASN C 232 31.34 -28.11 -21.71
N HIS C 233 31.42 -27.59 -20.48
CA HIS C 233 31.21 -28.40 -19.29
C HIS C 233 29.81 -29.02 -19.30
N ARG C 234 28.79 -28.20 -19.59
CA ARG C 234 27.42 -28.70 -19.58
C ARG C 234 27.22 -29.76 -20.67
N GLU C 235 27.76 -29.52 -21.86
CA GLU C 235 27.66 -30.48 -22.96
C GLU C 235 28.31 -31.81 -22.59
N LEU C 236 29.35 -31.78 -21.76
CA LEU C 236 30.09 -32.98 -21.37
C LEU C 236 29.42 -33.75 -20.25
N MET C 237 28.26 -33.30 -19.76
CA MET C 237 27.53 -34.02 -18.73
C MET C 237 26.60 -35.05 -19.37
N ASP D 4 20.64 -10.92 10.57
CA ASP D 4 20.32 -9.53 10.88
C ASP D 4 20.52 -8.64 9.65
N ASP D 5 19.94 -9.05 8.52
CA ASP D 5 20.14 -8.32 7.28
C ASP D 5 19.82 -6.85 7.45
N HIS D 6 18.62 -6.54 7.95
CA HIS D 6 18.24 -5.15 8.21
C HIS D 6 17.44 -5.09 9.50
N HIS D 7 17.93 -4.29 10.43
CA HIS D 7 17.34 -4.05 11.75
C HIS D 7 18.02 -2.85 12.36
N MET D 8 17.28 -2.14 13.21
CA MET D 8 17.82 -1.04 13.97
C MET D 8 18.92 -1.55 14.88
N GLU D 9 20.16 -1.19 14.60
CA GLU D 9 21.28 -1.55 15.45
C GLU D 9 21.27 -0.82 16.78
N PHE D 10 20.25 0.01 17.02
CA PHE D 10 20.22 0.94 18.13
C PHE D 10 18.83 0.79 18.75
N CYS D 11 18.63 1.29 19.96
CA CYS D 11 17.34 1.10 20.61
C CYS D 11 16.34 2.14 20.12
N ARG D 12 15.13 1.70 19.77
CA ARG D 12 14.10 2.65 19.35
C ARG D 12 13.74 3.60 20.49
N VAL D 13 13.72 3.10 21.72
CA VAL D 13 13.33 3.93 22.86
C VAL D 13 14.41 4.97 23.17
N CYS D 14 15.61 4.50 23.50
CA CYS D 14 16.64 5.39 24.03
C CYS D 14 17.74 5.73 23.04
N LYS D 15 17.86 4.99 21.93
CA LYS D 15 18.84 5.22 20.88
C LYS D 15 20.26 4.82 21.27
N ASP D 16 20.43 4.12 22.38
CA ASP D 16 21.74 3.61 22.76
C ASP D 16 21.97 2.23 22.15
N GLY D 17 23.23 1.96 21.79
CA GLY D 17 23.61 0.65 21.30
C GLY D 17 23.65 -0.38 22.42
N GLY D 18 23.86 -1.61 22.01
CA GLY D 18 23.99 -2.72 22.94
C GLY D 18 23.50 -4.00 22.30
N GLU D 19 23.16 -4.97 23.13
CA GLU D 19 22.52 -6.19 22.66
C GLU D 19 21.01 -5.99 22.74
N LEU D 20 20.32 -6.23 21.63
CA LEU D 20 18.96 -5.77 21.43
C LEU D 20 18.04 -6.96 21.21
N LEU D 21 16.76 -6.74 21.49
CA LEU D 21 15.71 -7.68 21.12
C LEU D 21 15.09 -7.20 19.81
N CYS D 22 15.08 -8.07 18.82
CA CYS D 22 14.70 -7.71 17.46
C CYS D 22 13.36 -8.32 17.10
N CYS D 23 12.54 -7.55 16.38
CA CYS D 23 11.20 -7.95 16.02
C CYS D 23 11.22 -8.80 14.75
N ASP D 24 10.33 -9.78 14.70
CA ASP D 24 10.27 -10.72 13.58
C ASP D 24 9.36 -10.26 12.45
N THR D 25 8.68 -9.11 12.61
CA THR D 25 7.76 -8.61 11.60
C THR D 25 8.07 -7.19 11.14
N CYS D 26 9.09 -6.55 11.68
CA CYS D 26 9.49 -5.22 11.25
C CYS D 26 10.92 -4.99 11.72
N PRO D 27 11.57 -3.93 11.23
CA PRO D 27 12.97 -3.69 11.58
C PRO D 27 13.19 -3.09 12.96
N SER D 28 12.19 -3.08 13.84
CA SER D 28 12.34 -2.46 15.15
C SER D 28 13.27 -3.26 16.05
N SER D 29 13.89 -2.58 17.01
CA SER D 29 14.75 -3.21 18.00
C SER D 29 14.62 -2.47 19.32
N TYR D 30 14.82 -3.21 20.41
CA TYR D 30 14.55 -2.71 21.75
C TYR D 30 15.52 -3.32 22.74
N HIS D 31 15.80 -2.59 23.80
CA HIS D 31 16.37 -3.18 25.01
C HIS D 31 15.27 -3.89 25.79
N ILE D 32 15.66 -4.94 26.51
CA ILE D 32 14.72 -5.60 27.40
C ILE D 32 14.27 -4.65 28.51
N HIS D 33 15.16 -3.75 28.94
CA HIS D 33 14.81 -2.80 29.99
C HIS D 33 14.13 -1.55 29.45
N CYS D 34 14.19 -1.29 28.14
CA CYS D 34 13.50 -0.15 27.54
C CYS D 34 12.09 -0.46 27.11
N LEU D 35 11.63 -1.70 27.25
CA LEU D 35 10.24 -2.03 26.98
C LEU D 35 9.37 -1.66 28.17
N ASN D 36 8.07 -1.60 27.93
CA ASN D 36 7.10 -1.24 28.96
C ASN D 36 5.84 -2.09 28.78
N PRO D 37 5.67 -3.13 29.60
CA PRO D 37 6.53 -3.54 30.72
C PRO D 37 7.89 -4.08 30.28
N PRO D 38 8.94 -3.83 31.08
CA PRO D 38 10.26 -4.40 30.75
C PRO D 38 10.23 -5.92 30.81
N LEU D 39 11.02 -6.55 29.91
CA LEU D 39 11.14 -7.99 29.95
C LEU D 39 12.36 -8.41 30.78
N PRO D 40 12.32 -9.59 31.39
CA PRO D 40 13.43 -10.02 32.26
C PRO D 40 14.63 -10.52 31.49
N GLU D 41 14.38 -11.12 30.33
CA GLU D 41 15.44 -11.65 29.48
C GLU D 41 14.84 -11.93 28.11
N ILE D 42 15.72 -11.97 27.11
CA ILE D 42 15.30 -12.24 25.73
C ILE D 42 14.50 -13.53 25.73
N PRO D 43 13.24 -13.52 25.26
CA PRO D 43 12.46 -14.75 25.25
C PRO D 43 12.96 -15.73 24.19
N ASN D 44 12.37 -16.91 24.21
CA ASN D 44 12.61 -17.92 23.19
C ASN D 44 11.48 -17.91 22.19
N GLY D 45 11.80 -18.19 20.92
CA GLY D 45 10.80 -18.22 19.88
C GLY D 45 10.46 -16.83 19.36
N GLU D 46 9.31 -16.76 18.68
CA GLU D 46 8.90 -15.51 18.04
C GLU D 46 8.61 -14.44 19.09
N TRP D 47 8.91 -13.20 18.72
CA TRP D 47 8.60 -12.03 19.54
C TRP D 47 8.06 -10.94 18.64
N LEU D 48 7.04 -10.24 19.11
CA LEU D 48 6.42 -9.16 18.37
C LEU D 48 6.57 -7.88 19.17
N CYS D 49 7.04 -6.81 18.53
CA CYS D 49 7.28 -5.58 19.23
C CYS D 49 5.96 -4.84 19.46
N PRO D 50 5.92 -3.88 20.39
CA PRO D 50 4.66 -3.18 20.65
C PRO D 50 4.04 -2.56 19.41
N ARG D 51 4.85 -2.04 18.49
CA ARG D 51 4.31 -1.41 17.30
C ARG D 51 3.51 -2.40 16.47
N CYS D 52 3.96 -3.65 16.40
CA CYS D 52 3.24 -4.67 15.65
C CYS D 52 1.99 -5.13 16.40
N THR D 53 2.07 -5.19 17.73
CA THR D 53 0.94 -5.60 18.56
C THR D 53 0.05 -4.44 18.96
N CYS D 54 0.13 -3.32 18.24
CA CYS D 54 -0.59 -2.12 18.63
C CYS D 54 -1.99 -2.12 18.04
N PRO D 55 -3.04 -2.01 18.84
CA PRO D 55 -4.39 -2.05 18.28
C PRO D 55 -4.65 -0.87 17.36
N ALA D 56 -5.59 -1.07 16.44
CA ALA D 56 -5.92 -0.05 15.46
C ALA D 56 -6.77 1.04 16.09
N LEU D 57 -6.74 2.22 15.46
CA LEU D 57 -7.59 3.32 15.91
C LEU D 57 -9.03 3.06 15.52
N LYS D 58 -9.95 3.65 16.30
CA LYS D 58 -11.37 3.53 16.01
C LYS D 58 -11.70 4.19 14.68
N GLY D 59 -11.06 5.30 14.37
CA GLY D 59 -11.26 5.99 13.11
C GLY D 59 -10.11 6.93 12.85
N LYS D 60 -10.39 7.99 12.10
CA LYS D 60 -9.41 9.04 11.85
C LYS D 60 -9.49 10.09 12.95
N VAL D 61 -8.34 10.44 13.52
CA VAL D 61 -8.30 11.44 14.58
C VAL D 61 -8.43 12.82 13.97
N GLN D 62 -9.38 13.60 14.48
CA GLN D 62 -9.58 14.97 14.02
C GLN D 62 -8.85 15.98 14.89
N LYS D 63 -8.84 15.76 16.19
CA LYS D 63 -8.27 16.70 17.14
C LYS D 63 -7.92 15.96 18.42
N ILE D 64 -6.81 16.36 19.04
CA ILE D 64 -6.40 15.84 20.33
C ILE D 64 -6.89 16.82 21.39
N LEU D 65 -7.80 16.36 22.25
CA LEU D 65 -8.48 17.25 23.17
C LEU D 65 -7.70 17.47 24.46
N ILE D 66 -7.19 16.39 25.07
CA ILE D 66 -6.54 16.47 26.37
C ILE D 66 -5.83 15.15 26.60
N TRP D 67 -4.81 15.17 27.44
CA TRP D 67 -4.11 13.95 27.79
C TRP D 67 -3.98 13.84 29.31
N LYS D 68 -3.69 12.62 29.76
CA LYS D 68 -3.42 12.37 31.16
C LYS D 68 -2.52 11.15 31.27
N TRP D 69 -2.00 10.92 32.48
CA TRP D 69 -1.21 9.72 32.74
C TRP D 69 -2.13 8.55 33.05
N GLY D 70 -1.90 7.43 32.36
CA GLY D 70 -2.71 6.25 32.53
C GLY D 70 -2.07 5.27 33.50
N GLN D 71 -2.82 4.22 33.81
CA GLN D 71 -2.34 3.24 34.77
C GLN D 71 -1.23 2.38 34.15
N PRO D 72 -0.20 2.03 34.91
CA PRO D 72 0.87 1.21 34.38
C PRO D 72 0.41 -0.22 34.17
N PRO D 73 1.08 -0.98 33.30
CA PRO D 73 0.63 -2.35 33.01
C PRO D 73 1.20 -3.39 33.96
N SER D 74 0.75 -4.63 33.80
CA SER D 74 1.25 -5.73 34.60
C SER D 74 2.76 -5.84 34.46
N PRO D 75 3.51 -5.96 35.56
CA PRO D 75 4.97 -6.09 35.45
C PRO D 75 5.35 -7.51 35.05
N THR D 76 6.07 -7.65 33.95
CA THR D 76 6.47 -8.96 33.47
C THR D 76 7.55 -9.58 34.35
N GLU D 95 8.17 -4.33 36.13
CA GLU D 95 7.87 -2.98 36.62
C GLU D 95 7.36 -2.07 35.51
N GLY D 96 6.05 -2.10 35.29
CA GLY D 96 5.45 -1.30 34.23
C GLY D 96 5.27 0.15 34.67
N ARG D 97 5.70 1.07 33.81
CA ARG D 97 5.60 2.51 34.04
C ARG D 97 4.40 3.11 33.32
N PRO D 98 3.94 4.28 33.76
CA PRO D 98 2.74 4.88 33.17
C PRO D 98 3.02 5.47 31.79
N GLU D 99 1.96 5.55 31.00
CA GLU D 99 2.03 6.10 29.66
C GLU D 99 0.88 7.06 29.43
N ARG D 100 1.11 8.03 28.54
CA ARG D 100 0.13 9.08 28.30
C ARG D 100 -1.07 8.54 27.53
N GLN D 101 -2.25 8.97 27.94
CA GLN D 101 -3.48 8.69 27.22
C GLN D 101 -3.98 10.00 26.63
N PHE D 102 -4.70 9.91 25.52
CA PHE D 102 -5.18 11.09 24.81
C PHE D 102 -6.66 10.93 24.51
N PHE D 103 -7.45 11.92 24.89
CA PHE D 103 -8.87 11.94 24.59
C PHE D 103 -9.03 12.69 23.27
N VAL D 104 -9.73 12.08 22.31
CA VAL D 104 -9.67 12.53 20.92
C VAL D 104 -11.08 12.71 20.35
N LYS D 105 -11.21 13.74 19.52
CA LYS D 105 -12.35 13.92 18.62
C LYS D 105 -12.06 13.24 17.29
N TRP D 106 -13.03 12.46 16.81
CA TRP D 106 -12.88 11.70 15.58
C TRP D 106 -13.52 12.44 14.42
N GLN D 107 -12.98 12.22 13.22
CA GLN D 107 -13.55 12.86 12.03
C GLN D 107 -14.88 12.22 11.69
N GLY D 108 -15.89 13.06 11.44
CA GLY D 108 -17.21 12.56 11.11
C GLY D 108 -17.97 11.95 12.25
N MET D 109 -17.58 12.26 13.50
CA MET D 109 -18.24 11.70 14.67
C MET D 109 -18.42 12.82 15.70
N SER D 110 -19.60 12.88 16.32
CA SER D 110 -19.90 13.93 17.28
C SER D 110 -19.04 13.76 18.53
N TYR D 111 -19.07 14.77 19.41
CA TYR D 111 -18.26 14.60 20.62
C TYR D 111 -18.83 13.55 21.56
N TRP D 112 -19.99 12.97 21.27
CA TRP D 112 -20.42 11.80 22.03
C TRP D 112 -19.47 10.64 21.88
N HIS D 113 -18.77 10.55 20.75
CA HIS D 113 -17.94 9.41 20.41
C HIS D 113 -16.47 9.61 20.75
N CYS D 114 -16.14 10.65 21.53
CA CYS D 114 -14.75 10.85 21.94
C CYS D 114 -14.31 9.72 22.86
N SER D 115 -13.02 9.38 22.78
CA SER D 115 -12.50 8.23 23.50
C SER D 115 -11.00 8.36 23.62
N TRP D 116 -10.40 7.41 24.34
CA TRP D 116 -9.00 7.48 24.71
C TRP D 116 -8.15 6.60 23.80
N VAL D 117 -6.96 7.09 23.49
CA VAL D 117 -5.99 6.36 22.68
C VAL D 117 -4.62 6.51 23.34
N SER D 118 -3.82 5.46 23.25
CA SER D 118 -2.50 5.48 23.86
C SER D 118 -1.56 6.39 23.07
N GLU D 119 -0.43 6.72 23.69
CA GLU D 119 0.58 7.52 23.02
C GLU D 119 1.23 6.76 21.88
N LEU D 120 1.63 5.51 22.12
CA LEU D 120 2.08 4.63 21.04
C LEU D 120 1.14 4.73 19.86
N GLN D 121 -0.15 4.73 20.15
CA GLN D 121 -1.17 4.65 19.12
C GLN D 121 -1.20 5.91 18.26
N LEU D 122 -0.88 7.07 18.85
CA LEU D 122 -0.78 8.32 18.09
C LEU D 122 0.54 8.42 17.33
N GLU D 123 1.67 8.10 17.96
CA GLU D 123 2.93 8.23 17.26
C GLU D 123 2.96 7.30 16.05
N LEU D 124 2.22 6.20 16.13
CA LEU D 124 2.29 5.16 15.10
C LEU D 124 1.37 5.49 13.93
N HIS D 125 0.24 6.12 14.18
CA HIS D 125 -0.72 6.42 13.12
C HIS D 125 -1.02 7.91 12.94
N CYS D 126 -0.55 8.77 13.83
CA CYS D 126 -0.84 10.20 13.74
C CYS D 126 0.37 11.05 14.13
N GLN D 127 1.55 10.73 13.61
CA GLN D 127 2.74 11.49 13.97
C GLN D 127 2.54 12.99 13.73
N VAL D 128 2.18 13.36 12.50
CA VAL D 128 2.11 14.78 12.14
C VAL D 128 1.23 15.53 13.13
N MET D 129 0.02 15.02 13.37
CA MET D 129 -0.82 15.61 14.41
C MET D 129 -0.14 15.59 15.76
N PHE D 130 0.49 14.48 16.12
CA PHE D 130 0.99 14.34 17.49
C PHE D 130 2.26 15.16 17.70
N ARG D 131 3.12 15.21 16.68
CA ARG D 131 4.27 16.10 16.76
C ARG D 131 3.83 17.55 16.88
N ASN D 132 2.82 17.95 16.10
CA ASN D 132 2.29 19.32 16.21
C ASN D 132 1.78 19.57 17.63
N TYR D 133 1.18 18.58 18.26
CA TYR D 133 0.62 18.74 19.59
C TYR D 133 1.73 18.88 20.63
N GLN D 134 2.69 17.94 20.61
CA GLN D 134 3.83 18.00 21.52
C GLN D 134 4.51 19.36 21.49
N ARG D 135 4.56 19.99 20.31
CA ARG D 135 5.28 21.24 20.14
C ARG D 135 4.55 22.42 20.79
N LYS D 136 3.23 22.32 20.97
CA LYS D 136 2.43 23.39 21.55
C LYS D 136 2.02 23.14 22.99
N ASN D 137 2.38 22.00 23.56
CA ASN D 137 1.90 21.61 24.88
C ASN D 137 3.04 21.08 25.74
N ASP D 138 2.99 21.42 27.03
CA ASP D 138 3.93 20.89 28.00
C ASP D 138 3.57 19.43 28.28
N MET D 139 4.42 18.51 27.84
CA MET D 139 4.09 17.09 27.92
C MET D 139 4.48 16.45 29.25
N ASP D 140 4.81 17.24 30.26
CA ASP D 140 5.10 16.72 31.58
C ASP D 140 4.02 17.06 32.60
N GLU D 141 3.33 18.19 32.42
CA GLU D 141 2.23 18.61 33.28
C GLU D 141 0.92 18.40 32.53
N PRO D 142 0.10 17.41 32.87
CA PRO D 142 -1.17 17.24 32.17
C PRO D 142 -2.09 18.42 32.43
N PRO D 143 -2.77 18.92 31.41
CA PRO D 143 -3.51 20.17 31.57
C PRO D 143 -4.89 19.95 32.18
N SER D 144 -5.46 21.05 32.67
CA SER D 144 -6.81 21.06 33.24
C SER D 144 -7.69 22.05 32.49
N GLY D 145 -7.39 22.28 31.21
CA GLY D 145 -8.20 23.13 30.36
C GLY D 145 -8.48 24.51 30.93
N ASN D 159 -24.60 20.43 39.44
CA ASN D 159 -23.80 19.58 40.31
C ASN D 159 -24.65 18.46 40.88
N LYS D 160 -25.92 18.77 41.14
CA LYS D 160 -26.85 17.78 41.70
C LYS D 160 -27.46 16.91 40.61
N ASP D 161 -27.63 17.44 39.40
CA ASP D 161 -28.22 16.69 38.30
C ASP D 161 -27.40 15.43 38.01
N PRO D 162 -27.92 14.23 38.31
CA PRO D 162 -27.14 13.02 38.01
C PRO D 162 -26.80 12.89 36.53
N LYS D 163 -27.60 13.46 35.65
CA LYS D 163 -27.25 13.48 34.23
C LYS D 163 -26.00 14.34 33.99
N PHE D 164 -25.99 15.55 34.56
CA PHE D 164 -24.81 16.40 34.44
C PHE D 164 -23.61 15.76 35.11
N ALA D 165 -23.78 15.26 36.33
CA ALA D 165 -22.69 14.60 37.05
C ALA D 165 -22.03 13.52 36.20
N GLU D 166 -22.81 12.85 35.34
CA GLU D 166 -22.26 11.83 34.46
C GLU D 166 -21.63 12.46 33.21
N MET D 167 -22.24 13.52 32.69
CA MET D 167 -21.65 14.23 31.56
C MET D 167 -20.37 14.96 31.96
N GLU D 168 -20.37 15.57 33.14
CA GLU D 168 -19.16 16.19 33.67
C GLU D 168 -18.02 15.18 33.74
N GLU D 169 -18.27 14.04 34.37
CA GLU D 169 -17.21 13.06 34.61
C GLU D 169 -16.70 12.48 33.30
N ARG D 170 -17.59 12.24 32.34
CA ARG D 170 -17.20 11.54 31.12
C ARG D 170 -16.71 12.48 30.02
N PHE D 171 -17.34 13.65 29.84
CA PHE D 171 -17.04 14.50 28.68
C PHE D 171 -16.52 15.88 29.05
N TYR D 172 -17.18 16.59 29.97
CA TYR D 172 -16.97 18.03 30.07
C TYR D 172 -15.59 18.36 30.65
N ARG D 173 -15.17 17.66 31.70
CA ARG D 173 -13.86 17.96 32.29
C ARG D 173 -12.70 17.61 31.38
N TYR D 174 -12.97 17.13 30.17
CA TYR D 174 -11.94 16.75 29.20
C TYR D 174 -11.88 17.71 28.02
N GLY D 175 -12.42 18.92 28.19
CA GLY D 175 -12.28 19.96 27.19
C GLY D 175 -13.40 19.96 26.17
N ILE D 176 -14.64 19.74 26.62
CA ILE D 176 -15.80 19.68 25.73
C ILE D 176 -16.88 20.60 26.26
N LYS D 177 -17.31 21.55 25.44
CA LYS D 177 -18.46 22.38 25.81
C LYS D 177 -19.74 21.54 25.81
N PRO D 178 -20.59 21.65 26.84
CA PRO D 178 -21.88 20.96 26.78
C PRO D 178 -22.70 21.32 25.56
N GLU D 179 -22.55 22.54 25.03
CA GLU D 179 -23.28 22.90 23.83
C GLU D 179 -22.86 22.05 22.65
N TRP D 180 -21.60 21.62 22.61
CA TRP D 180 -21.12 20.80 21.50
C TRP D 180 -21.81 19.46 21.40
N MET D 181 -22.52 19.04 22.44
CA MET D 181 -23.22 17.76 22.47
C MET D 181 -24.74 17.96 22.46
N MET D 182 -25.20 19.19 22.27
CA MET D 182 -26.62 19.50 22.20
C MET D 182 -27.04 19.71 20.75
N ILE D 183 -28.27 19.29 20.43
CA ILE D 183 -28.79 19.44 19.09
C ILE D 183 -29.18 20.89 18.86
N HIS D 184 -28.65 21.47 17.79
CA HIS D 184 -29.20 22.72 17.26
C HIS D 184 -30.41 22.43 16.37
N ARG D 185 -30.32 21.39 15.55
CA ARG D 185 -31.37 21.03 14.62
C ARG D 185 -30.98 19.74 13.93
N ILE D 186 -31.98 19.04 13.40
CA ILE D 186 -31.77 17.85 12.58
C ILE D 186 -31.88 18.25 11.12
N LEU D 187 -30.90 17.82 10.31
CA LEU D 187 -30.77 18.24 8.92
C LEU D 187 -31.37 17.24 7.94
N ASN D 188 -31.17 15.95 8.18
CA ASN D 188 -31.59 14.92 7.25
C ASN D 188 -31.71 13.61 8.01
N HIS D 189 -32.23 12.58 7.33
CA HIS D 189 -32.31 11.25 7.89
C HIS D 189 -31.88 10.22 6.85
N SER D 190 -31.68 8.99 7.32
CA SER D 190 -31.55 7.84 6.44
C SER D 190 -31.81 6.58 7.25
N VAL D 191 -32.41 5.59 6.59
CA VAL D 191 -32.64 4.27 7.17
C VAL D 191 -31.58 3.32 6.62
N ASP D 192 -30.98 2.52 7.51
CA ASP D 192 -29.88 1.67 7.10
C ASP D 192 -30.41 0.30 6.66
N LYS D 193 -29.49 -0.64 6.48
CA LYS D 193 -29.84 -1.95 5.97
C LYS D 193 -30.76 -2.69 6.92
N LYS D 194 -30.45 -2.66 8.21
CA LYS D 194 -31.20 -3.43 9.21
C LYS D 194 -32.43 -2.70 9.73
N GLY D 195 -32.89 -1.66 9.05
CA GLY D 195 -34.10 -0.96 9.41
C GLY D 195 -33.93 0.17 10.40
N HIS D 196 -32.73 0.34 10.97
CA HIS D 196 -32.49 1.42 11.91
C HIS D 196 -32.35 2.75 11.19
N VAL D 197 -32.84 3.81 11.83
CA VAL D 197 -32.85 5.13 11.22
C VAL D 197 -31.76 5.97 11.87
N HIS D 198 -31.21 6.88 11.07
CA HIS D 198 -30.10 7.73 11.46
C HIS D 198 -30.46 9.16 11.11
N TYR D 199 -30.02 10.10 11.94
CA TYR D 199 -30.31 11.50 11.72
C TYR D 199 -29.03 12.30 11.60
N LEU D 200 -29.01 13.22 10.65
CA LEU D 200 -27.90 14.14 10.47
C LEU D 200 -28.12 15.33 11.38
N ILE D 201 -27.24 15.50 12.36
CA ILE D 201 -27.46 16.44 13.46
C ILE D 201 -26.44 17.57 13.33
N LYS D 202 -26.93 18.80 13.24
CA LYS D 202 -26.09 19.94 13.55
C LYS D 202 -26.05 20.13 15.05
N TRP D 203 -24.87 20.44 15.57
CA TRP D 203 -24.66 20.60 17.00
C TRP D 203 -24.53 22.08 17.32
N ARG D 204 -24.87 22.42 18.55
CA ARG D 204 -24.85 23.82 18.96
C ARG D 204 -23.42 24.33 19.14
N ASP D 205 -23.20 25.56 18.69
CA ASP D 205 -21.90 26.22 18.76
C ASP D 205 -20.82 25.49 17.96
N LEU D 206 -21.23 24.66 17.01
CA LEU D 206 -20.32 24.04 16.05
C LEU D 206 -20.81 24.33 14.64
N PRO D 207 -19.91 24.59 13.68
CA PRO D 207 -20.37 24.92 12.32
C PRO D 207 -21.09 23.75 11.67
N TYR D 208 -21.62 23.98 10.46
CA TYR D 208 -22.35 22.95 9.74
C TYR D 208 -21.46 21.79 9.30
N ASP D 209 -20.19 22.06 8.99
CA ASP D 209 -19.32 20.97 8.60
C ASP D 209 -18.93 20.06 9.76
N GLN D 210 -19.31 20.42 10.99
CA GLN D 210 -19.19 19.52 12.13
C GLN D 210 -20.47 18.72 12.39
N ALA D 211 -21.46 18.83 11.50
CA ALA D 211 -22.64 17.99 11.61
C ALA D 211 -22.27 16.53 11.32
N SER D 212 -22.95 15.61 12.01
CA SER D 212 -22.59 14.21 11.93
C SER D 212 -23.83 13.35 12.11
N TRP D 213 -23.76 12.13 11.61
CA TRP D 213 -24.86 11.20 11.67
C TRP D 213 -24.90 10.50 13.02
N GLU D 214 -26.10 10.36 13.56
CA GLU D 214 -26.32 9.65 14.81
C GLU D 214 -27.51 8.72 14.66
N SER D 215 -27.47 7.61 15.37
CA SER D 215 -28.61 6.70 15.39
C SER D 215 -29.72 7.25 16.26
N GLU D 216 -30.94 6.79 15.98
CA GLU D 216 -32.10 7.12 16.81
C GLU D 216 -31.82 6.95 18.29
N ASP D 217 -31.04 5.93 18.65
CA ASP D 217 -31.09 5.36 19.99
C ASP D 217 -30.12 6.00 20.96
N VAL D 218 -29.37 7.02 20.53
CA VAL D 218 -28.43 7.70 21.41
C VAL D 218 -29.20 8.63 22.33
N GLU D 219 -28.90 8.59 23.63
CA GLU D 219 -29.65 9.36 24.62
C GLU D 219 -29.19 10.81 24.56
N ILE D 220 -29.77 11.53 23.61
CA ILE D 220 -29.53 12.96 23.44
C ILE D 220 -30.74 13.71 23.99
N GLN D 221 -30.49 14.80 24.71
CA GLN D 221 -31.58 15.57 25.28
C GLN D 221 -32.49 16.12 24.19
N ASP D 222 -33.79 16.17 24.49
CA ASP D 222 -34.78 16.79 23.60
C ASP D 222 -34.81 16.13 22.22
N TYR D 223 -34.21 14.94 22.11
CA TYR D 223 -34.04 14.33 20.80
C TYR D 223 -35.37 13.91 20.21
N ASP D 224 -36.37 13.63 21.06
CA ASP D 224 -37.73 13.39 20.54
C ASP D 224 -38.31 14.64 19.88
N LEU D 225 -38.05 15.82 20.45
CA LEU D 225 -38.64 17.05 19.90
C LEU D 225 -38.01 17.41 18.57
N PHE D 226 -36.70 17.20 18.42
CA PHE D 226 -36.04 17.54 17.17
C PHE D 226 -36.34 16.55 16.07
N LYS D 227 -36.71 15.31 16.42
CA LYS D 227 -37.21 14.39 15.43
C LYS D 227 -38.57 14.84 14.91
N GLN D 228 -39.51 15.11 15.81
CA GLN D 228 -40.83 15.55 15.38
C GLN D 228 -40.75 16.87 14.63
N SER D 229 -39.82 17.74 15.02
CA SER D 229 -39.64 19.01 14.31
C SER D 229 -39.08 18.79 12.91
N TYR D 230 -38.12 17.86 12.77
CA TYR D 230 -37.70 17.43 11.44
C TYR D 230 -38.92 17.27 10.54
N TRP D 231 -39.82 16.37 10.96
CA TRP D 231 -40.82 15.81 10.07
C TRP D 231 -41.93 16.81 9.77
N ASN D 232 -42.16 17.78 10.67
CA ASN D 232 -43.16 18.80 10.38
C ASN D 232 -42.76 19.64 9.18
N HIS D 233 -41.45 19.77 8.94
CA HIS D 233 -40.96 20.55 7.82
C HIS D 233 -41.34 19.89 6.50
#